data_6M3W
#
_entry.id   6M3W
#
_cell.length_a   1.00
_cell.length_b   1.00
_cell.length_c   1.00
_cell.angle_alpha   90.00
_cell.angle_beta   90.00
_cell.angle_gamma   90.00
#
_symmetry.space_group_name_H-M   'P 1'
#
loop_
_entity.id
_entity.type
_entity.pdbx_description
1 polymer 'Spike glycoprotein'
2 non-polymer 2-acetamido-2-deoxy-beta-D-glucopyranose
#
_entity_poly.entity_id   1
_entity_poly.type   'polypeptide(L)'
_entity_poly.pdbx_seq_one_letter_code
;AYSNNTIAIPTNFSISITTEVMPVSMAKTSVDCNMYICGDSTECANLLLQYGSFCTQLNRALSGIAAEQDRNTREVFAQV
KQMYKTPTLKYFGGFNFSQILPDPLKPTKRSFIEDLLFNKVTLADAGFMKQYGECLGDINARDLICAQKFNGLTVLPPLL
TDDMIAAYTAALVSGTATAGWTFGAGAALQIPFAMQMAYRFNGIGVTQNVLYENQKQIANQFNKAISQIQESLTTTSTAL
GKLQDVVNQNAQALNTLVKQLSSNFGAISSVLNDILSRLDKVEAEVQIDRLITGRLQSLQTYVTQQLIRAAEIRASANLA
ATKMSECVLGQSKRVDFCGKGYHLMSFPQAAPHGVVFLHVTYVPSQERNFTTAPAICHEGKAYFPREGVFVFNGTSWFIT
QRNFFSPQIITTDNTFVSGNCDVVIGIINNTVYDPLQPELDSFKEELDKYFKNHTSPDVDLGDISGINASVVNIQKEIDR
LNEVAKNLNES
;
_entity_poly.pdbx_strand_id   A,B,C
#
loop_
_chem_comp.id
_chem_comp.type
_chem_comp.name
_chem_comp.formula
NAG D-saccharide, beta linking 2-acetamido-2-deoxy-beta-D-glucopyranose 'C8 H15 N O6'
#
# COMPACT_ATOMS: atom_id res chain seq x y z
N ALA A 1 14.02 -23.55 -45.88
CA ALA A 1 12.73 -24.15 -46.17
C ALA A 1 12.66 -24.47 -47.64
N TYR A 2 12.04 -23.54 -48.40
CA TYR A 2 12.12 -23.42 -49.85
C TYR A 2 11.33 -24.50 -50.59
N SER A 3 10.83 -25.49 -49.87
CA SER A 3 10.36 -26.72 -50.49
C SER A 3 8.92 -26.61 -50.94
N ASN A 4 8.62 -27.30 -52.03
CA ASN A 4 7.24 -27.43 -52.47
C ASN A 4 6.43 -28.27 -51.50
N ASN A 5 5.26 -27.77 -51.15
CA ASN A 5 4.40 -28.38 -50.16
C ASN A 5 2.97 -28.14 -50.59
N THR A 6 2.04 -28.22 -49.66
CA THR A 6 0.64 -28.21 -50.01
C THR A 6 -0.12 -27.25 -49.12
N ILE A 7 -0.89 -26.36 -49.76
CA ILE A 7 -1.79 -25.45 -49.09
C ILE A 7 -3.17 -25.65 -49.70
N ALA A 8 -4.18 -25.74 -48.83
CA ALA A 8 -5.56 -25.67 -49.29
C ALA A 8 -5.81 -24.35 -50.01
N ILE A 9 -6.09 -24.43 -51.30
CA ILE A 9 -6.30 -23.27 -52.15
C ILE A 9 -7.74 -23.33 -52.66
N PRO A 10 -8.50 -22.25 -52.55
CA PRO A 10 -9.96 -22.35 -52.69
C PRO A 10 -10.42 -22.61 -54.12
N THR A 11 -11.55 -23.27 -54.23
CA THR A 11 -12.14 -23.60 -55.51
C THR A 11 -13.50 -22.94 -55.70
N ASN A 12 -14.47 -23.21 -54.83
CA ASN A 12 -15.77 -22.60 -54.93
C ASN A 12 -16.16 -22.01 -53.58
N PHE A 13 -16.86 -20.89 -53.63
CA PHE A 13 -17.10 -20.03 -52.48
C PHE A 13 -18.54 -20.09 -52.01
N SER A 14 -18.86 -19.20 -51.07
CA SER A 14 -20.21 -18.99 -50.57
C SER A 14 -20.27 -17.63 -49.91
N ILE A 15 -21.45 -17.00 -49.92
CA ILE A 15 -21.63 -15.78 -49.13
C ILE A 15 -21.52 -16.08 -47.65
N SER A 16 -21.12 -15.06 -46.91
CA SER A 16 -20.82 -15.25 -45.50
C SER A 16 -20.87 -13.88 -44.84
N ILE A 17 -21.88 -13.64 -44.02
CA ILE A 17 -21.78 -12.50 -43.13
C ILE A 17 -20.96 -12.90 -41.91
N THR A 18 -20.41 -11.91 -41.23
CA THR A 18 -19.52 -12.21 -40.13
C THR A 18 -20.09 -11.75 -38.79
N THR A 19 -20.50 -10.49 -38.69
CA THR A 19 -21.12 -9.89 -37.50
C THR A 19 -20.21 -10.01 -36.28
N GLU A 20 -19.13 -9.25 -36.28
CA GLU A 20 -18.28 -9.17 -35.10
C GLU A 20 -18.53 -7.87 -34.34
N VAL A 21 -18.17 -7.92 -33.05
CA VAL A 21 -18.40 -6.84 -32.10
C VAL A 21 -17.09 -6.50 -31.42
N MET A 22 -16.76 -5.22 -31.37
CA MET A 22 -15.53 -4.77 -30.72
C MET A 22 -15.85 -3.54 -29.87
N PRO A 23 -15.65 -3.60 -28.56
CA PRO A 23 -16.04 -2.47 -27.72
C PRO A 23 -15.14 -1.27 -27.91
N VAL A 24 -15.69 -0.09 -27.67
CA VAL A 24 -14.95 1.14 -27.90
C VAL A 24 -14.83 2.03 -26.69
N SER A 25 -15.68 1.92 -25.69
CA SER A 25 -15.64 2.83 -24.56
C SER A 25 -15.76 2.04 -23.28
N MET A 26 -15.80 2.75 -22.17
CA MET A 26 -15.96 2.10 -20.88
C MET A 26 -16.94 2.87 -20.00
N ALA A 27 -17.59 2.13 -19.11
CA ALA A 27 -18.42 2.73 -18.09
C ALA A 27 -17.56 3.51 -17.11
N LYS A 28 -18.12 4.60 -16.59
CA LYS A 28 -17.40 5.38 -15.59
C LYS A 28 -17.43 4.63 -14.27
N THR A 29 -16.47 3.73 -14.07
CA THR A 29 -16.44 2.86 -12.90
C THR A 29 -15.93 3.62 -11.69
N SER A 30 -16.75 4.55 -11.23
CA SER A 30 -16.43 5.31 -10.04
C SER A 30 -16.61 4.42 -8.82
N VAL A 31 -15.58 3.68 -8.47
CA VAL A 31 -15.66 2.70 -7.39
C VAL A 31 -15.33 3.39 -6.08
N ASP A 32 -16.28 3.36 -5.14
CA ASP A 32 -16.05 3.88 -3.81
C ASP A 32 -15.10 2.95 -3.07
N CYS A 33 -14.05 3.52 -2.52
CA CYS A 33 -13.14 2.74 -1.70
C CYS A 33 -13.81 2.34 -0.41
N ASN A 34 -14.52 3.30 0.22
CA ASN A 34 -15.26 3.07 1.45
C ASN A 34 -16.31 1.99 1.33
N MET A 35 -16.71 1.61 0.12
CA MET A 35 -17.55 0.44 -0.01
C MET A 35 -16.74 -0.80 -0.37
N TYR A 36 -15.74 -0.64 -1.24
CA TYR A 36 -14.98 -1.82 -1.65
C TYR A 36 -14.08 -2.29 -0.53
N ILE A 37 -13.42 -1.36 0.15
CA ILE A 37 -12.71 -1.69 1.38
C ILE A 37 -13.72 -2.06 2.47
N CYS A 38 -14.59 -1.12 2.81
CA CYS A 38 -15.29 -1.16 4.08
C CYS A 38 -16.74 -1.58 3.85
N GLY A 39 -17.22 -2.53 4.65
CA GLY A 39 -18.61 -2.89 4.56
C GLY A 39 -19.35 -2.56 5.83
N ASP A 40 -18.65 -2.76 6.95
CA ASP A 40 -19.19 -2.55 8.29
C ASP A 40 -18.07 -1.99 9.12
N SER A 41 -18.22 -2.06 10.45
CA SER A 41 -17.23 -1.62 11.43
C SER A 41 -16.89 -0.16 11.25
N THR A 42 -17.82 0.74 11.59
CA THR A 42 -17.70 2.20 11.46
C THR A 42 -16.34 2.75 11.90
N GLU A 43 -15.69 2.08 12.86
CA GLU A 43 -14.25 2.14 13.11
C GLU A 43 -13.39 2.15 11.84
N CYS A 44 -13.66 1.25 10.89
CA CYS A 44 -12.96 1.30 9.61
C CYS A 44 -13.18 2.60 8.88
N ALA A 45 -14.40 3.13 8.94
CA ALA A 45 -14.61 4.45 8.36
C ALA A 45 -13.94 5.55 9.18
N ASN A 46 -13.71 5.31 10.47
CA ASN A 46 -12.97 6.28 11.25
C ASN A 46 -11.49 6.26 10.92
N LEU A 47 -10.99 5.14 10.42
CA LEU A 47 -9.58 5.08 10.11
C LEU A 47 -9.29 5.42 8.67
N LEU A 48 -10.18 5.11 7.75
CA LEU A 48 -9.98 5.48 6.36
C LEU A 48 -10.13 6.96 6.11
N LEU A 49 -10.67 7.72 7.05
CA LEU A 49 -10.52 9.16 6.99
C LEU A 49 -9.06 9.54 7.01
N GLN A 50 -8.28 8.90 7.87
CA GLN A 50 -6.85 9.18 7.98
C GLN A 50 -6.08 8.68 6.78
N TYR A 51 -6.64 7.75 6.01
CA TYR A 51 -5.99 7.28 4.80
C TYR A 51 -6.28 8.24 3.67
N GLY A 52 -5.51 9.32 3.65
CA GLY A 52 -5.30 10.30 2.60
C GLY A 52 -6.57 10.82 1.97
N SER A 53 -6.42 11.25 0.72
CA SER A 53 -7.55 11.47 -0.18
C SER A 53 -7.35 10.59 -1.40
N PHE A 54 -6.88 9.37 -1.17
CA PHE A 54 -6.43 8.49 -2.23
C PHE A 54 -7.58 8.09 -3.13
N CYS A 55 -8.78 7.96 -2.58
CA CYS A 55 -9.85 7.41 -3.36
C CYS A 55 -10.38 8.45 -4.33
N THR A 56 -10.23 9.71 -3.95
CA THR A 56 -10.64 10.81 -4.82
C THR A 56 -9.82 10.81 -6.10
N GLN A 57 -8.50 10.90 -5.98
CA GLN A 57 -7.62 10.87 -7.15
C GLN A 57 -7.62 9.52 -7.85
N LEU A 58 -7.91 8.46 -7.11
CA LEU A 58 -8.03 7.14 -7.71
C LEU A 58 -9.21 7.11 -8.68
N ASN A 59 -10.35 7.60 -8.23
CA ASN A 59 -11.47 7.73 -9.14
C ASN A 59 -11.29 8.90 -10.10
N ARG A 60 -10.33 9.80 -9.87
CA ARG A 60 -10.01 10.77 -10.90
C ARG A 60 -9.35 10.09 -12.09
N ALA A 61 -8.45 9.15 -11.83
CA ALA A 61 -7.88 8.34 -12.91
C ALA A 61 -8.96 7.54 -13.61
N LEU A 62 -9.81 6.85 -12.83
CA LEU A 62 -10.88 6.05 -13.41
C LEU A 62 -11.90 6.90 -14.15
N SER A 63 -12.09 8.15 -13.74
CA SER A 63 -12.96 9.05 -14.47
C SER A 63 -12.29 9.52 -15.74
N GLY A 64 -10.98 9.75 -15.68
CA GLY A 64 -10.23 10.14 -16.84
C GLY A 64 -10.10 9.07 -17.89
N ILE A 65 -10.47 7.84 -17.57
CA ILE A 65 -10.70 6.83 -18.61
C ILE A 65 -11.74 7.32 -19.61
N ALA A 66 -12.94 7.61 -19.13
CA ALA A 66 -14.05 7.84 -20.06
C ALA A 66 -14.05 9.25 -20.63
N ASN A 214 16.10 15.94 117.72
CA ASN A 214 16.12 14.49 117.73
C ASN A 214 15.51 13.94 116.46
N GLN A 215 14.25 14.30 116.21
CA GLN A 215 13.47 13.67 115.18
C GLN A 215 12.89 14.64 114.17
N LYS A 216 13.19 15.94 114.30
CA LYS A 216 12.93 16.87 113.20
C LYS A 216 13.82 16.60 112.00
N GLN A 217 14.94 15.89 112.23
CA GLN A 217 15.74 15.30 111.16
C GLN A 217 14.87 14.52 110.19
N ILE A 218 13.95 13.73 110.74
CA ILE A 218 13.03 12.94 109.93
C ILE A 218 12.12 13.84 109.12
N ALA A 219 11.56 14.88 109.75
CA ALA A 219 10.60 15.76 109.09
C ALA A 219 11.26 16.50 107.94
N ASN A 220 12.42 17.11 108.19
CA ASN A 220 13.08 17.90 107.17
C ASN A 220 13.72 17.02 106.10
N GLN A 221 14.30 15.88 106.48
CA GLN A 221 14.96 15.00 105.51
C GLN A 221 13.96 14.34 104.60
N PHE A 222 12.89 13.81 105.16
CA PHE A 222 11.90 13.22 104.29
C PHE A 222 11.03 14.26 103.62
N ASN A 223 11.00 15.49 104.11
CA ASN A 223 10.41 16.57 103.33
C ASN A 223 11.27 16.91 102.12
N LYS A 224 12.60 16.87 102.29
CA LYS A 224 13.51 16.96 101.15
C LYS A 224 13.25 15.84 100.16
N ALA A 225 13.08 14.62 100.66
CA ALA A 225 12.83 13.47 99.80
C ALA A 225 11.49 13.59 99.08
N ILE A 226 10.51 14.18 99.75
CA ILE A 226 9.22 14.41 99.13
C ILE A 226 9.32 15.47 98.03
N SER A 227 10.16 16.49 98.24
CA SER A 227 10.35 17.41 97.13
C SER A 227 11.23 16.82 96.04
N GLN A 228 12.03 15.81 96.36
CA GLN A 228 12.71 15.05 95.32
C GLN A 228 11.71 14.26 94.49
N ILE A 229 10.67 13.71 95.12
CA ILE A 229 9.59 13.06 94.39
C ILE A 229 8.79 14.09 93.59
N GLN A 230 8.69 15.32 94.10
CA GLN A 230 8.10 16.42 93.35
C GLN A 230 8.89 16.73 92.09
N GLU A 231 10.22 16.82 92.23
CA GLU A 231 11.13 16.90 91.09
C GLU A 231 10.90 15.74 90.13
N SER A 232 10.71 14.54 90.67
CA SER A 232 10.55 13.34 89.86
C SER A 232 9.26 13.37 89.07
N LEU A 233 8.18 13.86 89.67
CA LEU A 233 6.93 13.78 88.94
C LEU A 233 6.72 14.96 88.02
N THR A 234 7.28 16.13 88.33
CA THR A 234 7.31 17.18 87.32
C THR A 234 8.22 16.78 86.16
N THR A 235 9.31 16.08 86.49
CA THR A 235 10.18 15.47 85.50
C THR A 235 9.43 14.47 84.63
N THR A 236 8.56 13.67 85.25
CA THR A 236 7.75 12.72 84.52
C THR A 236 6.73 13.43 83.65
N SER A 237 6.19 14.54 84.13
CA SER A 237 5.30 15.35 83.30
C SER A 237 6.02 15.91 82.10
N THR A 238 7.29 16.26 82.27
CA THR A 238 8.12 16.73 81.16
C THR A 238 8.27 15.65 80.11
N ALA A 239 8.64 14.45 80.57
CA ALA A 239 8.86 13.33 79.66
C ALA A 239 7.59 12.96 78.91
N LEU A 240 6.48 12.90 79.62
CA LEU A 240 5.28 12.44 78.96
C LEU A 240 4.63 13.52 78.12
N GLY A 241 4.87 14.80 78.41
CA GLY A 241 4.44 15.83 77.49
C GLY A 241 5.22 15.80 76.20
N LYS A 242 6.54 15.58 76.31
CA LYS A 242 7.37 15.40 75.12
C LYS A 242 6.90 14.20 74.31
N LEU A 243 6.58 13.11 75.01
CA LEU A 243 6.07 11.94 74.32
C LEU A 243 4.71 12.21 73.69
N GLN A 244 3.89 13.02 74.36
CA GLN A 244 2.57 13.33 73.82
C GLN A 244 2.70 14.07 72.50
N ASP A 245 3.52 15.11 72.50
CA ASP A 245 3.64 15.93 71.29
C ASP A 245 4.35 15.18 70.18
N VAL A 246 5.34 14.35 70.52
CA VAL A 246 6.08 13.70 69.45
C VAL A 246 5.36 12.49 68.89
N VAL A 247 4.73 11.67 69.75
CA VAL A 247 3.91 10.56 69.27
C VAL A 247 2.75 11.10 68.46
N ASN A 248 2.15 12.21 68.88
CA ASN A 248 1.12 12.80 68.06
C ASN A 248 1.67 13.44 66.80
N GLN A 249 2.92 13.91 66.80
CA GLN A 249 3.47 14.47 65.58
C GLN A 249 3.75 13.38 64.58
N ASN A 250 4.26 12.26 65.04
CA ASN A 250 4.50 11.14 64.14
C ASN A 250 3.19 10.56 63.66
N ALA A 251 2.13 10.65 64.46
CA ALA A 251 0.82 10.30 63.94
C ALA A 251 0.31 11.33 62.93
N GLN A 252 0.64 12.60 63.11
CA GLN A 252 0.27 13.61 62.12
C GLN A 252 0.99 13.39 60.80
N ALA A 253 2.26 13.02 60.88
CA ALA A 253 3.00 12.64 59.68
C ALA A 253 2.41 11.39 59.06
N LEU A 254 1.90 10.49 59.90
CA LEU A 254 1.25 9.29 59.40
C LEU A 254 -0.03 9.62 58.65
N ASN A 255 -0.83 10.53 59.21
CA ASN A 255 -2.04 10.96 58.53
C ASN A 255 -1.72 11.68 57.24
N THR A 256 -0.63 12.46 57.25
CA THR A 256 -0.19 13.17 56.06
C THR A 256 0.14 12.20 54.94
N LEU A 257 0.95 11.19 55.26
CA LEU A 257 1.30 10.15 54.31
C LEU A 257 0.09 9.40 53.83
N VAL A 258 -0.80 9.02 54.76
CA VAL A 258 -1.95 8.20 54.40
C VAL A 258 -2.88 8.94 53.45
N LYS A 259 -3.27 10.17 53.79
CA LYS A 259 -4.19 10.93 52.96
C LYS A 259 -3.56 11.29 51.62
N GLN A 260 -2.40 11.92 51.66
CA GLN A 260 -1.84 12.44 50.45
C GLN A 260 -1.22 11.35 49.60
N LEU A 261 -0.90 10.21 50.19
CA LEU A 261 -0.33 9.12 49.43
C LEU A 261 -1.43 8.24 48.87
N SER A 262 -2.62 8.29 49.48
CA SER A 262 -3.79 7.83 48.76
C SER A 262 -4.03 8.68 47.52
N SER A 263 -3.79 9.99 47.63
CA SER A 263 -3.98 10.85 46.48
C SER A 263 -2.96 10.55 45.39
N ASN A 264 -1.72 10.20 45.78
CA ASN A 264 -0.75 9.68 44.81
C ASN A 264 -1.21 8.39 44.16
N PHE A 265 -1.77 7.46 44.95
CA PHE A 265 -2.31 6.24 44.35
C PHE A 265 -3.44 6.55 43.40
N GLY A 266 -4.27 7.54 43.72
CA GLY A 266 -5.39 7.88 42.85
C GLY A 266 -4.92 8.46 41.54
N ALA A 267 -3.92 9.36 41.59
CA ALA A 267 -3.38 9.95 40.38
C ALA A 267 -2.69 8.92 39.51
N ILE A 268 -1.84 8.09 40.13
CA ILE A 268 -1.10 7.09 39.36
C ILE A 268 -2.02 6.03 38.80
N SER A 269 -3.06 5.66 39.54
CA SER A 269 -4.00 4.65 39.06
C SER A 269 -4.85 5.18 37.91
N SER A 270 -5.28 6.44 37.98
CA SER A 270 -6.04 7.01 36.86
C SER A 270 -5.17 7.15 35.62
N VAL A 271 -3.92 7.58 35.80
CA VAL A 271 -3.01 7.69 34.67
C VAL A 271 -2.72 6.32 34.09
N LEU A 272 -2.58 5.32 34.94
CA LEU A 272 -2.27 3.99 34.48
C LEU A 272 -3.44 3.38 33.73
N ASN A 273 -4.66 3.65 34.17
CA ASN A 273 -5.82 3.19 33.42
C ASN A 273 -5.93 3.88 32.07
N ASP A 274 -5.56 5.16 32.01
CA ASP A 274 -5.62 5.84 30.72
C ASP A 274 -4.52 5.38 29.77
N ILE A 275 -3.35 5.05 30.32
CA ILE A 275 -2.28 4.40 29.56
C ILE A 275 -2.78 3.09 28.97
N LEU A 276 -3.43 2.26 29.81
CA LEU A 276 -4.03 1.02 29.34
C LEU A 276 -5.06 1.26 28.25
N SER A 277 -5.88 2.29 28.42
CA SER A 277 -6.94 2.59 27.47
C SER A 277 -6.36 2.93 26.11
N ARG A 278 -5.44 3.88 26.08
CA ARG A 278 -4.94 4.32 24.79
C ARG A 278 -3.97 3.34 24.19
N LEU A 279 -3.32 2.53 25.03
CA LEU A 279 -2.54 1.42 24.50
C LEU A 279 -3.44 0.43 23.79
N ASP A 280 -4.62 0.17 24.34
CA ASP A 280 -5.51 -0.78 23.69
C ASP A 280 -6.13 -0.20 22.43
N LYS A 281 -6.35 1.12 22.40
CA LYS A 281 -6.74 1.77 21.15
C LYS A 281 -5.67 1.61 20.09
N VAL A 282 -4.40 1.75 20.50
CA VAL A 282 -3.29 1.56 19.57
C VAL A 282 -3.24 0.12 19.06
N GLU A 283 -3.38 -0.85 19.95
CA GLU A 283 -3.38 -2.26 19.57
C GLU A 283 -4.47 -2.58 18.56
N ALA A 284 -5.70 -2.15 18.88
CA ALA A 284 -6.85 -2.42 18.04
C ALA A 284 -6.71 -1.78 16.67
N GLU A 285 -6.44 -0.47 16.65
CA GLU A 285 -6.38 0.22 15.37
C GLU A 285 -5.17 -0.18 14.56
N VAL A 286 -4.06 -0.59 15.20
CA VAL A 286 -2.91 -1.07 14.45
C VAL A 286 -3.22 -2.38 13.73
N GLN A 287 -3.91 -3.31 14.41
CA GLN A 287 -4.35 -4.53 13.72
C GLN A 287 -5.31 -4.21 12.56
N ILE A 288 -6.18 -3.23 12.78
CA ILE A 288 -7.08 -2.79 11.73
C ILE A 288 -6.30 -2.22 10.56
N ASP A 289 -5.18 -1.56 10.85
CA ASP A 289 -4.40 -0.93 9.80
C ASP A 289 -3.66 -1.95 8.97
N ARG A 290 -3.24 -3.06 9.58
CA ARG A 290 -2.72 -4.18 8.80
C ARG A 290 -3.76 -4.64 7.80
N LEU A 291 -4.96 -4.83 8.30
CA LEU A 291 -6.01 -5.39 7.45
C LEU A 291 -6.42 -4.42 6.37
N ILE A 292 -6.51 -3.13 6.73
CA ILE A 292 -6.83 -2.09 5.76
C ILE A 292 -5.76 -2.00 4.69
N THR A 293 -4.49 -2.14 5.07
CA THR A 293 -3.43 -1.99 4.09
C THR A 293 -3.43 -3.13 3.09
N GLY A 294 -3.68 -4.35 3.55
CA GLY A 294 -3.81 -5.46 2.62
C GLY A 294 -5.01 -5.30 1.69
N ARG A 295 -6.14 -4.91 2.26
CA ARG A 295 -7.33 -4.68 1.46
C ARG A 295 -7.18 -3.48 0.53
N LEU A 296 -6.38 -2.51 0.94
CA LEU A 296 -6.11 -1.35 0.11
C LEU A 296 -5.31 -1.73 -1.11
N GLN A 297 -4.29 -2.55 -0.95
CA GLN A 297 -3.53 -2.90 -2.13
C GLN A 297 -4.30 -3.86 -3.02
N SER A 298 -5.23 -4.63 -2.43
CA SER A 298 -6.17 -5.38 -3.27
C SER A 298 -7.03 -4.45 -4.11
N LEU A 299 -7.51 -3.36 -3.51
CA LEU A 299 -8.26 -2.36 -4.26
C LEU A 299 -7.40 -1.68 -5.31
N GLN A 300 -6.13 -1.47 -5.01
CA GLN A 300 -5.26 -0.81 -5.96
C GLN A 300 -4.97 -1.75 -7.12
N THR A 301 -4.95 -3.03 -6.84
CA THR A 301 -4.87 -4.02 -7.90
C THR A 301 -6.13 -4.04 -8.75
N TYR A 302 -7.28 -3.87 -8.12
CA TYR A 302 -8.53 -3.72 -8.85
C TYR A 302 -8.48 -2.56 -9.81
N VAL A 303 -7.95 -1.44 -9.36
CA VAL A 303 -7.90 -0.25 -10.21
C VAL A 303 -6.88 -0.43 -11.33
N THR A 304 -5.75 -1.08 -11.03
CA THR A 304 -4.74 -1.34 -12.05
C THR A 304 -5.27 -2.27 -13.14
N GLN A 305 -5.95 -3.33 -12.73
CA GLN A 305 -6.67 -4.21 -13.64
C GLN A 305 -7.66 -3.44 -14.51
N GLN A 306 -8.35 -2.48 -13.90
CA GLN A 306 -9.31 -1.68 -14.62
C GLN A 306 -8.64 -0.78 -15.65
N LEU A 307 -7.50 -0.20 -15.28
CA LEU A 307 -6.81 0.70 -16.19
C LEU A 307 -6.22 -0.06 -17.37
N ILE A 308 -5.77 -1.28 -17.12
CA ILE A 308 -5.24 -2.09 -18.20
C ILE A 308 -6.35 -2.47 -19.16
N ARG A 309 -7.54 -2.72 -18.63
CA ARG A 309 -8.69 -2.86 -19.52
C ARG A 309 -8.95 -1.60 -20.32
N ALA A 310 -8.78 -0.43 -19.70
CA ALA A 310 -9.01 0.81 -20.42
C ALA A 310 -8.01 1.00 -21.54
N ALA A 311 -6.79 0.53 -21.34
CA ALA A 311 -5.80 0.61 -22.40
C ALA A 311 -6.11 -0.34 -23.54
N GLU A 312 -6.57 -1.54 -23.20
CA GLU A 312 -7.00 -2.47 -24.24
C GLU A 312 -8.17 -1.91 -25.04
N ILE A 313 -9.09 -1.23 -24.36
CA ILE A 313 -10.23 -0.63 -25.02
C ILE A 313 -9.80 0.51 -25.90
N ARG A 314 -8.81 1.29 -25.48
CA ARG A 314 -8.34 2.37 -26.33
C ARG A 314 -7.67 1.86 -27.59
N ALA A 315 -6.85 0.81 -27.46
CA ALA A 315 -6.24 0.26 -28.66
C ALA A 315 -7.26 -0.45 -29.53
N SER A 316 -8.28 -1.06 -28.93
CA SER A 316 -9.30 -1.72 -29.72
C SER A 316 -10.19 -0.71 -30.41
N ALA A 317 -10.40 0.45 -29.80
CA ALA A 317 -11.11 1.50 -30.49
C ALA A 317 -10.27 2.09 -31.62
N ASN A 318 -8.94 2.07 -31.48
CA ASN A 318 -8.10 2.43 -32.61
C ASN A 318 -8.24 1.43 -33.74
N LEU A 319 -8.36 0.14 -33.40
CA LEU A 319 -8.67 -0.85 -34.42
C LEU A 319 -10.06 -0.65 -34.99
N ALA A 320 -11.00 -0.15 -34.18
CA ALA A 320 -12.33 0.12 -34.69
C ALA A 320 -12.32 1.27 -35.67
N ALA A 321 -11.52 2.29 -35.38
CA ALA A 321 -11.38 3.41 -36.30
C ALA A 321 -10.69 2.96 -37.58
N THR A 322 -9.69 2.09 -37.46
CA THR A 322 -9.00 1.58 -38.64
C THR A 322 -9.90 0.66 -39.46
N LYS A 323 -10.77 -0.09 -38.81
CA LYS A 323 -11.67 -0.93 -39.59
C LYS A 323 -12.83 -0.13 -40.17
N MET A 324 -13.32 0.90 -39.47
CA MET A 324 -14.30 1.76 -40.11
C MET A 324 -13.69 2.61 -41.19
N SER A 325 -12.37 2.75 -41.21
CA SER A 325 -11.71 3.27 -42.39
C SER A 325 -11.71 2.24 -43.51
N GLU A 326 -11.10 1.09 -43.27
CA GLU A 326 -10.79 0.21 -44.38
C GLU A 326 -11.95 -0.68 -44.78
N CYS A 327 -12.66 -1.25 -43.82
CA CYS A 327 -13.74 -2.16 -44.14
C CYS A 327 -14.95 -1.40 -44.67
N VAL A 328 -15.27 -0.27 -44.06
CA VAL A 328 -16.43 0.50 -44.49
C VAL A 328 -16.11 1.28 -45.74
N LEU A 329 -15.16 2.20 -45.64
CA LEU A 329 -14.89 3.14 -46.72
C LEU A 329 -13.98 2.57 -47.77
N GLY A 330 -13.77 1.26 -47.77
CA GLY A 330 -12.98 0.59 -48.79
C GLY A 330 -13.37 -0.86 -48.84
N GLN A 331 -12.70 -1.60 -49.71
CA GLN A 331 -12.85 -3.04 -49.82
C GLN A 331 -11.47 -3.64 -49.59
N SER A 332 -11.19 -4.05 -48.36
CA SER A 332 -9.83 -4.40 -47.99
C SER A 332 -9.45 -5.73 -48.61
N LYS A 333 -8.28 -5.77 -49.23
CA LYS A 333 -7.82 -6.96 -49.91
C LYS A 333 -6.95 -7.79 -48.98
N ARG A 334 -7.55 -8.13 -47.84
CA ARG A 334 -6.85 -8.79 -46.76
C ARG A 334 -7.65 -10.00 -46.31
N VAL A 335 -6.98 -11.15 -46.27
CA VAL A 335 -7.65 -12.39 -45.97
C VAL A 335 -7.99 -12.42 -44.49
N ASP A 336 -9.26 -12.71 -44.18
CA ASP A 336 -9.78 -12.92 -42.82
C ASP A 336 -9.60 -11.70 -41.92
N PHE A 337 -9.38 -10.54 -42.50
CA PHE A 337 -9.52 -9.25 -41.87
C PHE A 337 -10.75 -8.60 -42.49
N CYS A 338 -11.32 -7.63 -41.78
CA CYS A 338 -12.68 -7.14 -42.02
C CYS A 338 -13.66 -8.31 -42.03
N GLY A 339 -13.59 -9.13 -40.99
CA GLY A 339 -14.30 -10.38 -40.95
C GLY A 339 -13.54 -11.48 -41.65
N LYS A 340 -13.99 -12.72 -41.42
CA LYS A 340 -13.37 -13.87 -42.06
C LYS A 340 -13.63 -13.89 -43.55
N GLY A 341 -12.84 -14.70 -44.26
CA GLY A 341 -13.01 -14.79 -45.68
C GLY A 341 -12.48 -13.57 -46.38
N TYR A 342 -13.07 -13.26 -47.52
CA TYR A 342 -12.62 -12.17 -48.37
C TYR A 342 -13.66 -11.07 -48.31
N HIS A 343 -13.24 -9.89 -47.87
CA HIS A 343 -14.17 -8.81 -47.62
C HIS A 343 -14.76 -8.26 -48.90
N LEU A 344 -16.05 -7.95 -48.86
CA LEU A 344 -16.72 -7.25 -49.95
C LEU A 344 -17.14 -5.87 -49.51
N MET A 345 -17.95 -5.78 -48.48
CA MET A 345 -18.32 -4.53 -47.85
C MET A 345 -18.75 -4.84 -46.44
N SER A 346 -18.61 -3.86 -45.57
CA SER A 346 -18.97 -4.04 -44.19
C SER A 346 -20.02 -3.02 -43.83
N PHE A 347 -20.90 -3.39 -42.91
CA PHE A 347 -22.00 -2.53 -42.53
C PHE A 347 -21.85 -2.14 -41.07
N PRO A 348 -21.50 -0.90 -40.76
CA PRO A 348 -21.28 -0.51 -39.38
C PRO A 348 -22.55 -0.10 -38.68
N GLN A 349 -22.65 -0.45 -37.40
CA GLN A 349 -23.80 -0.08 -36.61
C GLN A 349 -23.40 -0.02 -35.16
N ALA A 350 -24.08 0.83 -34.41
CA ALA A 350 -23.67 1.16 -33.06
C ALA A 350 -24.12 0.09 -32.08
N ALA A 351 -23.89 0.37 -30.81
CA ALA A 351 -24.01 -0.55 -29.69
C ALA A 351 -23.96 0.32 -28.43
N PRO A 352 -24.16 -0.21 -27.20
CA PRO A 352 -23.91 0.62 -26.02
C PRO A 352 -22.49 1.15 -25.92
N HIS A 353 -21.51 0.26 -25.89
CA HIS A 353 -20.12 0.66 -25.80
C HIS A 353 -19.28 0.01 -26.89
N GLY A 354 -19.90 -0.45 -27.96
CA GLY A 354 -19.19 -1.09 -29.05
C GLY A 354 -19.55 -0.47 -30.38
N VAL A 355 -18.95 -1.01 -31.42
CA VAL A 355 -19.33 -0.75 -32.78
C VAL A 355 -19.54 -2.12 -33.42
N VAL A 356 -20.78 -2.47 -33.68
CA VAL A 356 -21.07 -3.76 -34.26
C VAL A 356 -20.84 -3.67 -35.76
N PHE A 357 -20.03 -4.58 -36.28
CA PHE A 357 -19.81 -4.64 -37.70
C PHE A 357 -20.69 -5.71 -38.31
N LEU A 358 -21.00 -5.53 -39.59
CA LEU A 358 -21.72 -6.52 -40.38
C LEU A 358 -20.91 -6.64 -41.67
N HIS A 359 -19.94 -7.54 -41.65
CA HIS A 359 -19.05 -7.74 -42.78
C HIS A 359 -19.70 -8.66 -43.78
N VAL A 360 -20.04 -8.12 -44.96
CA VAL A 360 -20.47 -8.98 -46.04
C VAL A 360 -19.20 -9.50 -46.70
N THR A 361 -18.92 -10.77 -46.52
CA THR A 361 -17.71 -11.38 -47.05
C THR A 361 -18.08 -12.59 -47.88
N TYR A 362 -17.06 -13.33 -48.31
CA TYR A 362 -17.31 -14.63 -48.91
C TYR A 362 -16.17 -15.58 -48.58
N VAL A 363 -16.54 -16.81 -48.25
CA VAL A 363 -15.61 -17.80 -47.71
C VAL A 363 -15.59 -18.98 -48.66
N PRO A 364 -14.49 -19.75 -48.69
CA PRO A 364 -14.43 -20.93 -49.56
C PRO A 364 -15.33 -22.06 -49.11
N SER A 365 -16.39 -22.30 -49.86
CA SER A 365 -17.22 -23.47 -49.61
C SER A 365 -16.60 -24.75 -50.13
N GLN A 366 -15.62 -24.64 -51.02
CA GLN A 366 -15.06 -25.81 -51.68
C GLN A 366 -13.63 -25.50 -52.06
N GLU A 367 -12.74 -26.46 -51.84
CA GLU A 367 -11.32 -26.27 -52.12
C GLU A 367 -10.65 -27.63 -52.32
N ARG A 368 -9.32 -27.64 -52.25
CA ARG A 368 -8.54 -28.86 -52.40
C ARG A 368 -7.22 -28.68 -51.66
N ASN A 369 -6.79 -29.72 -50.92
CA ASN A 369 -5.40 -29.77 -50.50
C ASN A 369 -4.58 -29.85 -51.77
N PHE A 370 -3.92 -28.77 -52.16
CA PHE A 370 -3.23 -28.81 -53.43
C PHE A 370 -1.80 -28.32 -53.27
N THR A 371 -0.92 -28.82 -54.12
CA THR A 371 0.51 -28.53 -54.03
C THR A 371 0.78 -27.05 -54.25
N THR A 372 1.92 -26.62 -53.71
CA THR A 372 2.21 -25.21 -53.52
C THR A 372 3.71 -25.05 -53.42
N ALA A 373 4.28 -24.17 -54.24
CA ALA A 373 5.72 -23.96 -54.19
C ALA A 373 6.02 -22.46 -54.14
N PRO A 374 6.90 -22.03 -53.23
CA PRO A 374 7.29 -20.61 -53.23
C PRO A 374 8.20 -20.23 -54.38
N ALA A 375 9.25 -21.00 -54.63
CA ALA A 375 10.20 -20.64 -55.66
C ALA A 375 10.90 -21.89 -56.14
N ILE A 376 11.31 -21.89 -57.40
CA ILE A 376 11.93 -23.04 -58.01
C ILE A 376 13.29 -22.61 -58.56
N CYS A 377 14.23 -23.54 -58.55
CA CYS A 377 15.62 -23.28 -58.90
C CYS A 377 16.03 -24.23 -60.02
N HIS A 378 15.75 -23.83 -61.27
CA HIS A 378 16.21 -24.62 -62.40
C HIS A 378 17.71 -24.57 -62.54
N GLU A 379 18.25 -23.38 -62.69
CA GLU A 379 19.57 -23.17 -63.27
C GLU A 379 20.51 -22.48 -62.29
N GLY A 380 20.35 -22.76 -61.00
CA GLY A 380 20.95 -21.91 -59.98
C GLY A 380 20.29 -20.56 -60.10
N LYS A 381 18.96 -20.55 -60.14
CA LYS A 381 18.25 -19.41 -60.70
C LYS A 381 16.81 -19.47 -60.22
N ALA A 382 16.40 -18.47 -59.45
CA ALA A 382 15.12 -18.53 -58.74
C ALA A 382 14.00 -17.97 -59.60
N TYR A 383 12.76 -18.24 -59.17
CA TYR A 383 11.59 -17.80 -59.91
C TYR A 383 10.52 -17.26 -58.95
N PHE A 384 10.08 -16.03 -59.18
CA PHE A 384 9.24 -15.30 -58.22
C PHE A 384 7.92 -14.90 -58.81
N PRO A 385 6.86 -15.57 -58.49
CA PRO A 385 5.55 -15.22 -59.05
C PRO A 385 4.98 -13.97 -58.40
N ARG A 386 4.95 -12.88 -59.16
CA ARG A 386 4.35 -11.66 -58.66
C ARG A 386 2.84 -11.83 -58.57
N GLU A 387 2.31 -11.66 -57.35
CA GLU A 387 0.91 -11.95 -57.00
C GLU A 387 0.53 -13.38 -57.39
N GLY A 388 1.44 -14.32 -57.11
CA GLY A 388 1.24 -15.67 -57.59
C GLY A 388 1.89 -16.69 -56.68
N VAL A 389 1.54 -17.95 -56.94
CA VAL A 389 2.02 -19.12 -56.21
C VAL A 389 2.13 -20.27 -57.20
N PHE A 390 3.28 -20.95 -57.24
CA PHE A 390 3.50 -22.06 -58.16
C PHE A 390 2.57 -23.23 -57.87
N VAL A 391 1.88 -23.70 -58.91
CA VAL A 391 0.73 -24.62 -58.80
C VAL A 391 0.78 -25.58 -59.98
N PHE A 392 0.30 -26.81 -59.79
CA PHE A 392 0.13 -27.76 -60.90
C PHE A 392 -1.31 -27.82 -61.40
N ASN A 393 -1.52 -28.67 -62.41
CA ASN A 393 -2.86 -29.13 -62.77
C ASN A 393 -2.97 -30.64 -62.63
N GLY A 394 -2.21 -31.22 -61.71
CA GLY A 394 -1.77 -32.57 -61.95
C GLY A 394 -0.53 -32.54 -62.82
N THR A 395 0.55 -32.01 -62.26
CA THR A 395 1.91 -31.97 -62.81
C THR A 395 1.98 -31.19 -64.12
N SER A 396 1.71 -29.89 -64.00
CA SER A 396 2.21 -28.89 -64.95
C SER A 396 2.29 -27.57 -64.22
N TRP A 397 3.51 -27.03 -64.04
CA TRP A 397 3.72 -25.82 -63.25
C TRP A 397 3.02 -24.58 -63.78
N PHE A 398 2.04 -24.10 -63.02
CA PHE A 398 1.32 -22.88 -63.30
C PHE A 398 1.40 -21.96 -62.10
N ILE A 399 1.00 -20.71 -62.27
CA ILE A 399 0.90 -19.76 -61.16
C ILE A 399 -0.46 -19.10 -61.19
N THR A 400 -1.07 -18.94 -60.02
CA THR A 400 -2.46 -18.56 -59.89
C THR A 400 -2.59 -17.30 -59.07
N GLN A 401 -3.82 -16.94 -58.72
CA GLN A 401 -4.00 -16.07 -57.58
C GLN A 401 -3.90 -16.88 -56.31
N ARG A 402 -3.76 -16.19 -55.19
CA ARG A 402 -3.85 -16.88 -53.92
C ARG A 402 -5.30 -17.20 -53.57
N ASN A 403 -6.23 -16.36 -54.03
CA ASN A 403 -7.60 -16.46 -53.55
C ASN A 403 -8.33 -17.65 -54.14
N PHE A 404 -8.05 -18.00 -55.39
CA PHE A 404 -8.46 -19.28 -55.93
C PHE A 404 -7.51 -19.60 -57.06
N PHE A 405 -7.69 -20.75 -57.69
CA PHE A 405 -6.79 -21.12 -58.77
C PHE A 405 -7.56 -21.30 -60.07
N SER A 406 -7.43 -20.31 -60.95
CA SER A 406 -7.45 -20.53 -62.38
C SER A 406 -6.00 -20.55 -62.78
N PRO A 407 -5.42 -21.71 -63.00
CA PRO A 407 -3.96 -21.80 -63.08
C PRO A 407 -3.36 -21.22 -64.35
N GLN A 408 -3.16 -19.91 -64.33
CA GLN A 408 -2.54 -19.20 -65.45
C GLN A 408 -1.12 -19.73 -65.68
N ILE A 409 -0.72 -19.77 -66.94
CA ILE A 409 0.58 -20.33 -67.33
C ILE A 409 1.70 -19.43 -66.83
N ILE A 410 2.87 -20.04 -66.65
CA ILE A 410 4.07 -19.30 -66.27
C ILE A 410 4.45 -18.37 -67.43
N THR A 411 4.39 -17.09 -67.19
CA THR A 411 4.85 -16.12 -68.17
C THR A 411 6.31 -15.83 -67.92
N THR A 412 6.82 -14.77 -68.55
CA THR A 412 8.09 -14.20 -68.13
C THR A 412 7.88 -13.02 -67.20
N ASP A 413 6.73 -12.34 -67.33
CA ASP A 413 6.51 -11.10 -66.60
C ASP A 413 6.13 -11.37 -65.16
N ASN A 414 5.29 -12.37 -64.93
CA ASN A 414 4.82 -12.62 -63.58
C ASN A 414 5.90 -13.25 -62.72
N THR A 415 6.75 -14.06 -63.32
CA THR A 415 7.91 -14.54 -62.59
C THR A 415 9.00 -13.48 -62.57
N PHE A 416 9.65 -13.37 -61.43
CA PHE A 416 10.85 -12.57 -61.30
C PHE A 416 11.97 -13.56 -61.02
N VAL A 417 13.20 -13.15 -61.24
CA VAL A 417 14.32 -14.09 -61.25
C VAL A 417 15.44 -13.54 -60.38
N SER A 418 16.03 -14.41 -59.56
CA SER A 418 17.35 -14.13 -59.01
C SER A 418 18.42 -14.86 -59.82
N GLY A 419 19.60 -14.24 -59.89
CA GLY A 419 20.73 -14.86 -60.53
C GLY A 419 21.29 -16.06 -59.79
N ASN A 420 20.91 -16.24 -58.54
CA ASN A 420 21.31 -17.41 -57.77
C ASN A 420 20.08 -17.98 -57.07
N CYS A 421 20.31 -18.91 -56.15
CA CYS A 421 19.24 -19.43 -55.31
C CYS A 421 19.67 -19.35 -53.86
N ASP A 422 20.20 -18.19 -53.48
CA ASP A 422 20.88 -18.02 -52.21
C ASP A 422 19.95 -17.36 -51.20
N VAL A 423 19.55 -18.11 -50.18
CA VAL A 423 18.62 -17.64 -49.16
C VAL A 423 19.27 -16.56 -48.33
N VAL A 424 18.55 -15.47 -48.10
CA VAL A 424 18.95 -14.48 -47.10
C VAL A 424 18.29 -14.84 -45.78
N ILE A 425 19.08 -14.95 -44.74
CA ILE A 425 18.58 -15.36 -43.43
C ILE A 425 18.14 -14.12 -42.68
N GLY A 426 16.98 -14.21 -42.02
CA GLY A 426 16.36 -13.06 -41.39
C GLY A 426 16.48 -13.05 -39.88
N ILE A 427 15.99 -11.96 -39.32
CA ILE A 427 16.11 -11.67 -37.90
C ILE A 427 14.88 -12.23 -37.18
N ILE A 428 15.02 -12.46 -35.88
CA ILE A 428 14.13 -13.29 -35.09
C ILE A 428 13.59 -12.43 -33.94
N ASN A 429 12.47 -12.89 -33.35
CA ASN A 429 12.27 -12.81 -31.91
C ASN A 429 11.97 -11.39 -31.43
N ASN A 430 10.95 -10.78 -32.02
CA ASN A 430 10.58 -9.41 -31.70
C ASN A 430 9.55 -9.44 -30.57
N THR A 431 8.95 -8.29 -30.26
CA THR A 431 7.80 -8.06 -29.37
C THR A 431 8.11 -8.38 -27.91
N VAL A 432 9.34 -8.64 -27.58
CA VAL A 432 9.74 -8.93 -26.22
C VAL A 432 9.73 -7.63 -25.42
N TYR A 433 9.33 -7.69 -24.16
CA TYR A 433 9.58 -6.57 -23.27
C TYR A 433 10.31 -7.06 -22.03
N ASP A 434 11.22 -6.25 -21.52
CA ASP A 434 11.90 -6.55 -20.26
C ASP A 434 11.06 -5.99 -19.12
N PRO A 435 10.68 -6.79 -18.13
CA PRO A 435 9.84 -6.23 -17.05
C PRO A 435 10.58 -5.25 -16.14
N LEU A 436 11.78 -5.62 -15.67
CA LEU A 436 12.64 -4.76 -14.83
C LEU A 436 11.94 -4.35 -13.53
N GLN A 437 11.80 -5.34 -12.70
CA GLN A 437 11.14 -5.28 -11.41
C GLN A 437 12.10 -5.76 -10.33
N PRO A 438 13.34 -5.26 -10.33
CA PRO A 438 14.51 -6.16 -10.18
C PRO A 438 14.61 -6.99 -8.92
N GLU A 439 14.55 -6.39 -7.73
CA GLU A 439 15.16 -7.08 -6.61
C GLU A 439 14.59 -6.59 -5.30
N LEU A 440 14.38 -7.53 -4.38
CA LEU A 440 14.25 -7.20 -2.97
C LEU A 440 15.07 -8.15 -2.14
N ASP A 441 15.83 -7.56 -1.22
CA ASP A 441 16.67 -8.28 -0.27
C ASP A 441 15.85 -8.78 0.91
N SER A 442 16.53 -9.20 1.96
CA SER A 442 15.84 -9.80 3.09
C SER A 442 15.21 -8.73 3.96
N PHE A 443 14.32 -9.20 4.85
CA PHE A 443 13.95 -8.40 6.01
C PHE A 443 15.14 -8.11 6.90
N LYS A 444 16.14 -8.97 6.90
CA LYS A 444 17.28 -8.76 7.78
C LYS A 444 18.06 -7.52 7.38
N GLU A 445 18.33 -7.33 6.10
CA GLU A 445 18.99 -6.12 5.62
C GLU A 445 18.13 -4.90 5.88
N GLU A 446 16.90 -4.94 5.37
CA GLU A 446 15.95 -3.84 5.40
C GLU A 446 15.65 -3.38 6.82
N LEU A 447 15.21 -4.30 7.67
CA LEU A 447 15.09 -4.08 9.10
C LEU A 447 16.35 -3.54 9.72
N ASP A 448 17.45 -4.29 9.68
CA ASP A 448 18.58 -3.97 10.52
C ASP A 448 19.31 -2.72 10.10
N LYS A 449 18.97 -2.14 8.94
CA LYS A 449 19.31 -0.75 8.74
C LYS A 449 18.56 0.16 9.71
N TYR A 450 17.24 0.03 9.80
CA TYR A 450 16.39 0.99 10.50
C TYR A 450 15.50 0.25 11.50
N PHE A 451 16.00 -0.01 12.70
CA PHE A 451 15.23 -0.80 13.65
C PHE A 451 15.75 -0.54 15.05
N LYS A 452 14.84 -0.62 16.03
CA LYS A 452 15.16 -0.60 17.44
C LYS A 452 14.55 -1.83 18.10
N ASN A 453 15.32 -2.55 18.91
CA ASN A 453 14.69 -3.56 19.77
C ASN A 453 14.03 -2.93 20.99
N HIS A 454 14.82 -2.26 21.84
CA HIS A 454 14.34 -1.24 22.79
C HIS A 454 13.36 -1.80 23.82
N THR A 455 13.88 -2.60 24.75
CA THR A 455 13.07 -2.98 25.90
C THR A 455 13.85 -2.77 27.19
N SER A 456 13.12 -2.74 28.32
CA SER A 456 13.68 -2.57 29.66
C SER A 456 12.66 -2.88 30.74
N PRO A 457 13.02 -3.58 31.82
CA PRO A 457 12.11 -3.73 32.96
C PRO A 457 12.21 -2.59 33.96
N ASP A 458 11.50 -2.69 35.08
CA ASP A 458 11.66 -1.73 36.17
C ASP A 458 12.50 -2.32 37.29
N VAL A 459 12.60 -1.61 38.41
CA VAL A 459 13.13 -2.22 39.63
C VAL A 459 12.10 -2.14 40.74
N ASP A 460 11.79 -0.92 41.19
CA ASP A 460 10.68 -0.57 42.08
C ASP A 460 10.68 -1.43 43.36
N LEU A 461 11.72 -1.20 44.17
CA LEU A 461 12.25 -2.15 45.16
C LEU A 461 11.22 -2.87 46.05
N GLY A 462 10.48 -2.14 46.87
CA GLY A 462 9.45 -2.76 47.68
C GLY A 462 9.92 -3.35 49.00
N ASP A 463 11.21 -3.62 49.16
CA ASP A 463 11.77 -3.76 50.50
C ASP A 463 11.82 -2.42 51.20
N ILE A 464 11.77 -1.34 50.40
CA ILE A 464 11.46 0.00 50.87
C ILE A 464 10.26 0.00 51.79
N SER A 465 9.20 -0.69 51.40
CA SER A 465 8.16 -1.00 52.37
C SER A 465 8.69 -1.91 53.45
N GLY A 466 9.23 -3.07 53.06
CA GLY A 466 9.30 -4.32 53.83
C GLY A 466 9.96 -4.25 55.20
N ILE A 467 10.49 -3.11 55.62
CA ILE A 467 11.04 -2.97 56.95
C ILE A 467 9.92 -2.65 57.91
N ASN A 468 9.84 -3.43 58.98
CA ASN A 468 8.71 -3.57 59.89
C ASN A 468 8.64 -2.42 60.90
N ALA A 469 7.79 -2.62 61.90
CA ALA A 469 7.65 -1.72 63.03
C ALA A 469 7.85 -2.51 64.32
N SER A 470 8.95 -2.24 65.04
CA SER A 470 9.10 -2.84 66.35
C SER A 470 8.21 -2.11 67.34
N VAL A 471 7.77 -2.83 68.37
CA VAL A 471 6.74 -2.34 69.28
C VAL A 471 7.23 -2.48 70.71
N VAL A 472 6.44 -1.94 71.64
CA VAL A 472 6.53 -2.24 73.06
C VAL A 472 5.23 -2.90 73.45
N ASN A 473 5.30 -4.03 74.15
CA ASN A 473 4.10 -4.66 74.66
C ASN A 473 4.18 -4.91 76.17
N ILE A 474 5.00 -4.16 76.86
CA ILE A 474 5.27 -4.48 78.25
C ILE A 474 4.19 -3.84 79.12
N GLN A 475 3.87 -4.51 80.23
CA GLN A 475 2.89 -3.96 81.13
C GLN A 475 3.21 -4.35 82.57
N LYS A 476 4.35 -5.00 82.80
CA LYS A 476 4.81 -5.32 84.16
C LYS A 476 5.04 -4.06 84.97
N GLU A 477 5.40 -2.97 84.29
CA GLU A 477 5.51 -1.68 84.93
C GLU A 477 4.17 -1.23 85.47
N ILE A 478 3.11 -1.42 84.69
CA ILE A 478 1.76 -1.07 85.15
C ILE A 478 1.35 -1.96 86.30
N ASP A 479 1.76 -3.24 86.25
CA ASP A 479 1.41 -4.21 87.28
C ASP A 479 2.04 -3.84 88.61
N ARG A 480 3.37 -3.68 88.61
CA ARG A 480 4.08 -3.28 89.82
C ARG A 480 3.71 -1.88 90.25
N LEU A 481 3.27 -1.05 89.31
CA LEU A 481 2.85 0.30 89.62
C LEU A 481 1.58 0.30 90.46
N ASN A 482 0.58 -0.44 90.00
CA ASN A 482 -0.65 -0.52 90.79
C ASN A 482 -0.50 -1.39 92.03
N GLU A 483 0.47 -2.31 92.06
CA GLU A 483 0.72 -3.03 93.31
C GLU A 483 1.42 -2.15 94.33
N VAL A 484 2.31 -1.26 93.90
CA VAL A 484 2.83 -0.28 94.82
C VAL A 484 1.72 0.67 95.24
N ALA A 485 0.75 0.95 94.37
CA ALA A 485 -0.40 1.75 94.77
C ALA A 485 -1.22 1.07 95.86
N LYS A 486 -1.34 -0.26 95.78
CA LYS A 486 -1.89 -1.05 96.88
C LYS A 486 -1.10 -0.86 98.15
N ASN A 487 0.23 -0.93 98.04
CA ASN A 487 1.10 -0.78 99.19
C ASN A 487 1.00 0.62 99.79
N LEU A 488 0.76 1.63 98.96
CA LEU A 488 0.68 3.00 99.44
C LEU A 488 -0.64 3.24 100.15
N ASN A 489 -1.72 2.67 99.64
CA ASN A 489 -2.98 2.78 100.36
C ASN A 489 -2.99 1.95 101.63
N GLU A 490 -2.09 0.96 101.74
CA GLU A 490 -2.00 0.18 102.97
C GLU A 490 -1.58 1.05 104.15
N SER A 491 -0.37 1.61 104.10
CA SER A 491 0.15 2.30 105.28
C SER A 491 0.02 3.80 105.18
N ALA B 1 -28.43 -9.65 -44.19
CA ALA B 1 -28.31 -8.32 -44.78
C ALA B 1 -28.59 -8.39 -46.25
N TYR B 2 -27.50 -8.47 -47.03
CA TYR B 2 -27.46 -8.89 -48.43
C TYR B 2 -28.04 -7.85 -49.39
N SER B 3 -28.62 -6.79 -48.86
CA SER B 3 -29.48 -5.92 -49.65
C SER B 3 -28.69 -4.85 -50.35
N ASN B 4 -29.16 -4.46 -51.53
CA ASN B 4 -28.62 -3.31 -52.23
C ASN B 4 -28.92 -2.03 -51.48
N ASN B 5 -27.90 -1.21 -51.32
CA ASN B 5 -27.99 0.02 -50.56
C ASN B 5 -27.08 1.04 -51.23
N THR B 6 -26.67 2.05 -50.49
CA THR B 6 -25.99 3.17 -51.10
C THR B 6 -24.76 3.53 -50.29
N ILE B 7 -23.62 3.62 -50.98
CA ILE B 7 -22.36 4.07 -50.42
C ILE B 7 -21.88 5.23 -51.29
N ALA B 8 -21.43 6.30 -50.64
CA ALA B 8 -20.70 7.35 -51.33
C ALA B 8 -19.45 6.78 -51.98
N ILE B 9 -19.42 6.80 -53.30
CA ILE B 9 -18.32 6.25 -54.08
C ILE B 9 -17.68 7.39 -54.85
N PRO B 10 -16.35 7.54 -54.79
CA PRO B 10 -15.74 8.79 -55.22
C PRO B 10 -15.76 9.02 -56.72
N THR B 11 -15.79 10.30 -57.09
CA THR B 11 -15.80 10.69 -58.48
C THR B 11 -14.57 11.50 -58.87
N ASN B 12 -14.32 12.62 -58.22
CA ASN B 12 -13.13 13.42 -58.51
C ASN B 12 -12.41 13.74 -57.21
N PHE B 13 -11.08 13.77 -57.29
CA PHE B 13 -10.20 13.78 -56.15
C PHE B 13 -9.53 15.13 -55.96
N SER B 14 -8.57 15.16 -55.02
CA SER B 14 -7.71 16.31 -54.77
C SER B 14 -6.48 15.82 -54.03
N ILE B 15 -5.35 16.53 -54.20
CA ILE B 15 -4.18 16.24 -53.38
C ILE B 15 -4.47 16.59 -51.93
N SER B 16 -3.77 15.90 -51.04
CA SER B 16 -4.04 16.02 -49.61
C SER B 16 -2.81 15.53 -48.87
N ILE B 17 -2.07 16.43 -48.24
CA ILE B 17 -1.11 15.97 -47.26
C ILE B 17 -1.84 15.72 -45.95
N THR B 18 -1.24 14.89 -45.10
CA THR B 18 -1.92 14.51 -43.87
C THR B 18 -1.20 15.04 -42.64
N THR B 19 0.10 14.79 -42.51
CA THR B 19 0.95 15.26 -41.41
C THR B 19 0.43 14.80 -40.05
N GLU B 20 0.55 13.50 -39.80
CA GLU B 20 0.24 12.98 -38.48
C GLU B 20 1.50 12.73 -37.68
N VAL B 21 1.32 12.69 -36.36
CA VAL B 21 2.40 12.55 -35.39
C VAL B 21 2.06 11.40 -34.45
N MET B 22 3.01 10.51 -34.24
CA MET B 22 2.80 9.39 -33.33
C MET B 22 4.05 9.23 -32.48
N PRO B 23 3.93 9.34 -31.15
CA PRO B 23 5.12 9.29 -30.32
C PRO B 23 5.72 7.90 -30.24
N VAL B 24 7.03 7.85 -30.01
CA VAL B 24 7.73 6.57 -30.01
C VAL B 24 8.47 6.28 -28.73
N SER B 25 8.82 7.27 -27.91
CA SER B 25 9.62 7.01 -26.73
C SER B 25 9.01 7.75 -25.56
N MET B 26 9.68 7.66 -24.42
CA MET B 26 9.24 8.36 -23.23
C MET B 26 10.39 9.00 -22.50
N ALA B 27 10.10 10.09 -21.80
CA ALA B 27 11.05 10.71 -20.91
C ALA B 27 11.33 9.80 -19.72
N LYS B 28 12.56 9.85 -19.23
CA LYS B 28 12.90 9.06 -18.05
C LYS B 28 12.30 9.72 -16.82
N THR B 29 11.05 9.38 -16.53
CA THR B 29 10.30 10.01 -15.45
C THR B 29 10.74 9.45 -14.10
N SER B 30 11.96 9.78 -13.73
CA SER B 30 12.50 9.38 -12.45
C SER B 30 11.84 10.20 -11.36
N VAL B 31 10.69 9.75 -10.88
CA VAL B 31 9.91 10.51 -9.91
C VAL B 31 10.37 10.17 -8.51
N ASP B 32 10.84 11.17 -7.79
CA ASP B 32 11.21 10.99 -6.39
C ASP B 32 9.95 10.79 -5.56
N CYS B 33 9.94 9.72 -4.78
CA CYS B 33 8.82 9.50 -3.88
C CYS B 33 8.84 10.52 -2.76
N ASN B 34 10.03 10.77 -2.20
CA ASN B 34 10.23 11.77 -1.15
C ASN B 34 9.81 13.16 -1.56
N MET B 35 9.65 13.44 -2.84
CA MET B 35 9.03 14.69 -3.21
C MET B 35 7.56 14.53 -3.51
N TYR B 36 7.17 13.44 -4.17
CA TYR B 36 5.77 13.29 -4.53
C TYR B 36 4.94 12.97 -3.29
N ILE B 37 5.45 12.09 -2.43
CA ILE B 37 4.84 11.90 -1.13
C ILE B 37 5.04 13.14 -0.28
N CYS B 38 6.29 13.50 -0.02
CA CYS B 38 6.62 14.37 1.08
C CYS B 38 6.97 15.76 0.56
N GLY B 39 6.39 16.79 1.18
CA GLY B 39 6.77 18.14 0.80
C GLY B 39 7.44 18.87 1.94
N ASP B 40 6.95 18.60 3.14
CA ASP B 40 7.42 19.21 4.37
C ASP B 40 7.39 18.14 5.44
N SER B 41 7.43 18.58 6.70
CA SER B 41 7.35 17.72 7.89
C SER B 41 8.44 16.68 7.89
N THR B 42 9.70 17.11 8.12
CA THR B 42 10.90 16.26 8.13
C THR B 42 10.72 14.92 8.85
N GLU B 43 9.84 14.89 9.86
CA GLU B 43 9.19 13.69 10.38
C GLU B 43 8.75 12.70 9.29
N CYS B 44 8.08 13.17 8.25
CA CYS B 44 7.74 12.31 7.12
C CYS B 44 8.97 11.71 6.47
N ALA B 45 10.03 12.50 6.34
CA ALA B 45 11.27 11.92 5.85
C ALA B 45 11.92 10.99 6.86
N ASN B 46 11.63 11.16 8.14
CA ASN B 46 12.12 10.21 9.13
C ASN B 46 11.36 8.90 9.08
N LEU B 47 10.14 8.92 8.59
CA LEU B 47 9.38 7.69 8.53
C LEU B 47 9.50 6.98 7.20
N LEU B 48 9.65 7.72 6.12
CA LEU B 48 9.83 7.09 4.82
C LEU B 48 11.19 6.44 4.66
N LEU B 49 12.14 6.73 5.55
CA LEU B 49 13.32 5.88 5.64
C LEU B 49 12.93 4.44 5.94
N GLN B 50 12.02 4.27 6.88
CA GLN B 50 11.56 2.95 7.28
C GLN B 50 10.71 2.29 6.20
N TYR B 51 10.16 3.07 5.28
CA TYR B 51 9.41 2.49 4.17
C TYR B 51 10.37 2.05 3.09
N GLY B 52 10.93 0.87 3.29
CA GLY B 52 11.66 0.01 2.39
C GLY B 52 12.71 0.71 1.57
N SER B 53 12.98 0.12 0.41
CA SER B 53 13.70 0.79 -0.66
C SER B 53 12.82 0.80 -1.89
N PHE B 54 11.53 1.05 -1.67
CA PHE B 54 10.52 0.88 -2.70
C PHE B 54 10.72 1.88 -3.83
N CYS B 55 11.20 3.06 -3.52
CA CYS B 55 11.24 4.09 -4.53
C CYS B 55 12.38 3.84 -5.49
N THR B 56 13.42 3.18 -4.99
CA THR B 56 14.55 2.81 -5.83
C THR B 56 14.12 1.86 -6.93
N GLN B 57 13.56 0.71 -6.55
CA GLN B 57 13.07 -0.24 -7.55
C GLN B 57 11.88 0.26 -8.34
N LEU B 58 11.11 1.17 -7.76
CA LEU B 58 10.01 1.80 -8.47
C LEU B 58 10.54 2.62 -9.63
N ASN B 59 11.54 3.46 -9.36
CA ASN B 59 12.18 4.15 -10.46
C ASN B 59 13.08 3.25 -11.27
N ARG B 60 13.41 2.04 -10.80
CA ARG B 60 14.06 1.08 -11.67
C ARG B 60 13.14 0.61 -12.77
N ALA B 61 11.87 0.36 -12.41
CA ALA B 61 10.87 0.05 -13.44
C ALA B 61 10.68 1.22 -14.40
N LEU B 62 10.51 2.43 -13.83
CA LEU B 62 10.33 3.62 -14.67
C LEU B 62 11.56 3.93 -15.52
N SER B 63 12.75 3.56 -15.04
CA SER B 63 13.94 3.71 -15.85
C SER B 63 13.99 2.67 -16.93
N GLY B 64 13.55 1.46 -16.61
CA GLY B 64 13.50 0.39 -17.59
C GLY B 64 12.48 0.58 -18.67
N ILE B 65 11.59 1.58 -18.52
CA ILE B 65 10.81 2.04 -19.67
C ILE B 65 11.73 2.49 -20.79
N ALA B 66 12.57 3.48 -20.53
CA ALA B 66 13.30 4.12 -21.63
C ALA B 66 14.52 3.31 -22.06
N ASN B 214 8.64 2.06 119.56
CA ASN B 214 7.37 2.75 119.45
C ASN B 214 7.16 3.28 118.06
N GLN B 215 8.09 4.12 117.61
CA GLN B 215 7.90 4.89 116.40
C GLN B 215 9.01 4.72 115.38
N LYS B 216 10.00 3.85 115.67
CA LYS B 216 10.92 3.40 114.62
C LYS B 216 10.21 2.53 113.58
N GLN B 217 9.05 1.98 113.96
CA GLN B 217 8.11 1.37 113.01
C GLN B 217 7.84 2.29 111.84
N ILE B 218 7.63 3.58 112.15
CA ILE B 218 7.37 4.59 111.12
C ILE B 218 8.58 4.75 110.23
N ALA B 219 9.77 4.86 110.84
CA ALA B 219 11.00 5.10 110.07
C ALA B 219 11.30 3.94 109.12
N ASN B 220 11.26 2.72 109.64
CA ASN B 220 11.59 1.57 108.81
C ASN B 220 10.49 1.24 107.82
N GLN B 221 9.22 1.38 108.21
CA GLN B 221 8.12 1.05 107.32
C GLN B 221 8.01 2.05 106.18
N PHE B 222 8.09 3.32 106.49
CA PHE B 222 8.03 4.27 105.41
C PHE B 222 9.35 4.37 104.67
N ASN B 223 10.45 3.89 105.24
CA ASN B 223 11.67 3.73 104.46
C ASN B 223 11.51 2.58 103.46
N LYS B 224 10.83 1.51 103.87
CA LYS B 224 10.42 0.46 102.93
C LYS B 224 9.56 1.03 101.82
N ALA B 225 8.59 1.87 102.19
CA ALA B 225 7.70 2.46 101.20
C ALA B 225 8.45 3.40 100.26
N ILE B 226 9.46 4.09 100.78
CA ILE B 226 10.28 4.94 99.95
C ILE B 226 11.13 4.12 98.98
N SER B 227 11.60 2.96 99.42
CA SER B 227 12.29 2.12 98.44
C SER B 227 11.32 1.44 97.49
N GLN B 228 10.05 1.32 97.87
CA GLN B 228 9.03 0.91 96.91
C GLN B 228 8.81 1.97 95.85
N ILE B 229 8.87 3.24 96.24
CA ILE B 229 8.81 4.34 95.27
C ILE B 229 10.08 4.35 94.42
N GLN B 230 11.21 3.95 95.00
CA GLN B 230 12.44 3.77 94.24
C GLN B 230 12.30 2.68 93.18
N GLU B 231 11.72 1.54 93.57
CA GLU B 231 11.32 0.51 92.63
C GLU B 231 10.41 1.07 91.56
N SER B 232 9.46 1.92 91.95
CA SER B 232 8.49 2.48 91.03
C SER B 232 9.13 3.41 90.02
N LEU B 233 10.09 4.21 90.45
CA LEU B 233 10.63 5.16 89.51
C LEU B 233 11.74 4.58 88.65
N THR B 234 12.48 3.60 89.15
CA THR B 234 13.35 2.86 88.25
C THR B 234 12.53 2.06 87.26
N THR B 235 11.39 1.53 87.72
CA THR B 235 10.42 0.89 86.86
C THR B 235 9.89 1.84 85.79
N THR B 236 9.65 3.09 86.17
CA THR B 236 9.19 4.10 85.23
C THR B 236 10.29 4.44 84.25
N SER B 237 11.54 4.46 84.71
CA SER B 237 12.67 4.66 83.80
C SER B 237 12.77 3.53 82.80
N THR B 238 12.45 2.31 83.23
CA THR B 238 12.43 1.17 82.33
C THR B 238 11.38 1.34 81.24
N ALA B 239 10.17 1.71 81.66
CA ALA B 239 9.07 1.89 80.73
C ALA B 239 9.35 2.99 79.74
N LEU B 240 9.86 4.11 80.21
CA LEU B 240 10.04 5.22 79.31
C LEU B 240 11.28 5.08 78.45
N GLY B 241 12.29 4.31 78.88
CA GLY B 241 13.38 4.00 77.98
C GLY B 241 12.93 3.09 76.86
N LYS B 242 12.09 2.08 77.19
CA LYS B 242 11.50 1.24 76.17
C LYS B 242 10.67 2.05 75.19
N LEU B 243 9.89 3.00 75.73
CA LEU B 243 9.11 3.87 74.87
C LEU B 243 10.00 4.76 74.03
N GLN B 244 11.13 5.21 74.59
CA GLN B 244 12.03 6.06 73.84
C GLN B 244 12.58 5.33 72.63
N ASP B 245 13.10 4.13 72.86
CA ASP B 245 13.71 3.39 71.77
C ASP B 245 12.68 2.93 70.76
N VAL B 246 11.48 2.56 71.20
CA VAL B 246 10.51 2.02 70.24
C VAL B 246 9.80 3.12 69.47
N VAL B 247 9.44 4.22 70.13
CA VAL B 247 8.86 5.36 69.42
C VAL B 247 9.88 5.94 68.45
N ASN B 248 11.15 5.98 68.85
CA ASN B 248 12.15 6.41 67.90
C ASN B 248 12.41 5.38 66.81
N GLN B 249 12.21 4.09 67.09
CA GLN B 249 12.40 3.11 66.03
C GLN B 249 11.28 3.20 65.01
N ASN B 250 10.06 3.40 65.48
CA ASN B 250 8.96 3.56 64.55
C ASN B 250 9.09 4.85 63.78
N ALA B 251 9.71 5.88 64.38
CA ALA B 251 10.04 7.06 63.60
C ALA B 251 11.15 6.79 62.60
N GLN B 252 12.10 5.92 62.94
CA GLN B 252 13.15 5.55 61.98
C GLN B 252 12.57 4.78 60.80
N ALA B 253 11.61 3.90 61.09
CA ALA B 253 10.90 3.21 60.01
C ALA B 253 10.09 4.20 59.20
N LEU B 254 9.58 5.24 59.85
CA LEU B 254 8.83 6.28 59.15
C LEU B 254 9.74 7.06 58.22
N ASN B 255 10.94 7.40 58.68
CA ASN B 255 11.89 8.10 57.82
C ASN B 255 12.34 7.20 56.68
N THR B 256 12.47 5.90 56.95
CA THR B 256 12.84 4.94 55.93
C THR B 256 11.81 4.92 54.81
N LEU B 257 10.55 4.78 55.20
CA LEU B 257 9.45 4.79 54.25
C LEU B 257 9.38 6.10 53.49
N VAL B 258 9.51 7.22 54.20
CA VAL B 258 9.35 8.52 53.58
C VAL B 258 10.43 8.77 52.53
N LYS B 259 11.69 8.57 52.90
CA LYS B 259 12.80 8.82 51.98
C LYS B 259 12.76 7.84 50.81
N GLN B 260 12.75 6.55 51.12
CA GLN B 260 12.90 5.58 50.06
C GLN B 260 11.61 5.42 49.26
N LEU B 261 10.49 5.81 49.81
CA LEU B 261 9.25 5.71 49.09
C LEU B 261 9.01 6.95 48.26
N SER B 262 9.64 8.06 48.64
CA SER B 262 9.80 9.14 47.68
C SER B 262 10.64 8.69 46.50
N SER B 263 11.66 7.87 46.76
CA SER B 263 12.48 7.38 45.65
C SER B 263 11.68 6.44 44.75
N ASN B 264 10.78 5.64 45.34
CA ASN B 264 9.83 4.87 44.54
C ASN B 264 8.92 5.76 43.70
N PHE B 265 8.40 6.85 44.30
CA PHE B 265 7.60 7.78 43.52
C PHE B 265 8.40 8.40 42.39
N GLY B 266 9.67 8.70 42.63
CA GLY B 266 10.50 9.29 41.60
C GLY B 266 10.75 8.35 40.45
N ALA B 267 11.04 7.09 40.76
CA ALA B 267 11.26 6.09 39.72
C ALA B 267 9.99 5.84 38.91
N ILE B 268 8.87 5.63 39.61
CA ILE B 268 7.63 5.34 38.93
C ILE B 268 7.15 6.53 38.11
N SER B 269 7.36 7.74 38.62
CA SER B 269 6.93 8.92 37.89
C SER B 269 7.77 9.17 36.65
N SER B 270 9.09 8.93 36.73
CA SER B 270 9.93 9.08 35.55
C SER B 270 9.61 8.02 34.51
N VAL B 271 9.36 6.79 34.94
CA VAL B 271 8.98 5.74 34.02
C VAL B 271 7.64 6.04 33.39
N LEU B 272 6.71 6.57 34.18
CA LEU B 272 5.39 6.87 33.67
C LEU B 272 5.41 8.00 32.68
N ASN B 273 6.27 9.00 32.91
CA ASN B 273 6.42 10.06 31.92
C ASN B 273 7.04 9.54 30.64
N ASP B 274 7.98 8.61 30.73
CA ASP B 274 8.57 8.06 29.52
C ASP B 274 7.60 7.17 28.76
N ILE B 275 6.76 6.43 29.49
CA ILE B 275 5.64 5.70 28.89
C ILE B 275 4.73 6.64 28.12
N LEU B 276 4.34 7.76 28.75
CA LEU B 276 3.55 8.78 28.08
C LEU B 276 4.24 9.32 26.84
N SER B 277 5.55 9.55 26.94
CA SER B 277 6.32 10.12 25.84
C SER B 277 6.29 9.18 24.64
N ARG B 278 6.67 7.93 24.85
CA ARG B 278 6.78 7.04 23.72
C ARG B 278 5.43 6.57 23.24
N LEU B 279 4.42 6.58 24.10
CA LEU B 279 3.06 6.36 23.65
C LEU B 279 2.62 7.46 22.70
N ASP B 280 2.99 8.70 23.00
CA ASP B 280 2.59 9.79 22.13
C ASP B 280 3.37 9.78 20.83
N LYS B 281 4.63 9.31 20.87
CA LYS B 281 5.36 9.09 19.62
C LYS B 281 4.67 8.04 18.76
N VAL B 282 4.17 6.97 19.40
CA VAL B 282 3.44 5.93 18.69
C VAL B 282 2.16 6.49 18.09
N GLU B 283 1.39 7.27 18.85
CA GLU B 283 0.16 7.86 18.37
C GLU B 283 0.40 8.75 17.16
N ALA B 284 1.37 9.66 17.28
CA ALA B 284 1.69 10.60 16.22
C ALA B 284 2.15 9.89 14.96
N GLU B 285 3.16 9.02 15.09
CA GLU B 285 3.70 8.38 13.90
C GLU B 285 2.74 7.38 13.30
N VAL B 286 1.86 6.77 14.08
CA VAL B 286 0.85 5.87 13.55
C VAL B 286 -0.16 6.62 12.67
N GLN B 287 -0.61 7.80 13.12
CA GLN B 287 -1.47 8.63 12.28
C GLN B 287 -0.75 9.06 11.01
N ILE B 288 0.54 9.37 11.13
CA ILE B 288 1.34 9.71 9.97
C ILE B 288 1.43 8.53 9.01
N ASP B 289 1.46 7.32 9.56
CA ASP B 289 1.59 6.14 8.72
C ASP B 289 0.32 5.84 7.97
N ARG B 290 -0.83 6.14 8.55
CA ARG B 290 -2.08 6.10 7.79
C ARG B 290 -1.98 7.00 6.59
N LEU B 291 -1.55 8.22 6.84
CA LEU B 291 -1.55 9.21 5.78
C LEU B 291 -0.52 8.87 4.71
N ILE B 292 0.65 8.39 5.14
CA ILE B 292 1.69 7.96 4.23
C ILE B 292 1.22 6.81 3.38
N THR B 293 0.48 5.86 3.98
CA THR B 293 0.06 4.68 3.22
C THR B 293 -0.95 5.03 2.14
N GLY B 294 -1.88 5.94 2.46
CA GLY B 294 -2.80 6.41 1.44
C GLY B 294 -2.09 7.17 0.32
N ARG B 295 -1.18 8.05 0.69
CA ARG B 295 -0.42 8.80 -0.29
C ARG B 295 0.54 7.90 -1.07
N LEU B 296 1.00 6.83 -0.45
CA LEU B 296 1.85 5.86 -1.12
C LEU B 296 1.11 5.12 -2.21
N GLN B 297 -0.11 4.68 -1.92
CA GLN B 297 -0.82 3.98 -2.96
C GLN B 297 -1.29 4.92 -4.05
N SER B 298 -1.48 6.20 -3.72
CA SER B 298 -1.70 7.19 -4.77
C SER B 298 -0.49 7.31 -5.67
N LEU B 299 0.71 7.31 -5.09
CA LEU B 299 1.93 7.31 -5.89
C LEU B 299 2.08 6.04 -6.70
N GLN B 300 1.63 4.92 -6.15
CA GLN B 300 1.77 3.67 -6.86
C GLN B 300 0.79 3.64 -8.03
N THR B 301 -0.34 4.31 -7.86
CA THR B 301 -1.27 4.51 -8.95
C THR B 301 -0.68 5.42 -10.02
N TYR B 302 0.06 6.44 -9.60
CA TYR B 302 0.78 7.29 -10.54
C TYR B 302 1.74 6.48 -11.38
N VAL B 303 2.47 5.58 -10.75
CA VAL B 303 3.45 4.79 -11.48
C VAL B 303 2.76 3.78 -12.40
N THR B 304 1.66 3.20 -11.95
CA THR B 304 0.91 2.26 -12.78
C THR B 304 0.35 2.95 -14.01
N GLN B 305 -0.24 4.13 -13.82
CA GLN B 305 -0.68 4.98 -14.92
C GLN B 305 0.46 5.27 -15.89
N GLN B 306 1.65 5.51 -15.35
CA GLN B 306 2.81 5.81 -16.18
C GLN B 306 3.24 4.58 -16.98
N LEU B 307 3.19 3.41 -16.36
CA LEU B 307 3.61 2.20 -17.06
C LEU B 307 2.64 1.85 -18.16
N ILE B 308 1.36 2.09 -17.93
CA ILE B 308 0.36 1.82 -18.95
C ILE B 308 0.56 2.75 -20.13
N ARG B 309 0.94 4.00 -19.86
CA ARG B 309 1.36 4.87 -20.94
C ARG B 309 2.56 4.32 -21.68
N ALA B 310 3.51 3.74 -20.95
CA ALA B 310 4.70 3.18 -21.59
C ALA B 310 4.34 2.01 -22.49
N ALA B 311 3.33 1.25 -22.11
CA ALA B 311 2.89 0.14 -22.96
C ALA B 311 2.20 0.65 -24.21
N GLU B 312 1.38 1.69 -24.07
CA GLU B 312 0.76 2.30 -25.24
C GLU B 312 1.81 2.86 -26.18
N ILE B 313 2.86 3.45 -25.63
CA ILE B 313 3.93 4.01 -26.44
C ILE B 313 4.70 2.90 -27.14
N ARG B 314 4.90 1.76 -26.48
CA ARG B 314 5.59 0.66 -27.14
C ARG B 314 4.77 0.09 -28.29
N ALA B 315 3.47 -0.06 -28.10
CA ALA B 315 2.67 -0.56 -29.21
C ALA B 315 2.52 0.48 -30.31
N SER B 316 2.50 1.76 -29.94
CA SER B 316 2.42 2.80 -30.96
C SER B 316 3.72 2.93 -31.72
N ALA B 317 4.85 2.65 -31.08
CA ALA B 317 6.09 2.61 -31.80
C ALA B 317 6.17 1.39 -32.70
N ASN B 318 5.51 0.29 -32.31
CA ASN B 318 5.37 -0.82 -33.24
C ASN B 318 4.54 -0.44 -34.46
N LEU B 319 3.50 0.36 -34.25
CA LEU B 319 2.76 0.90 -35.38
C LEU B 319 3.60 1.87 -36.18
N ALA B 320 4.52 2.58 -35.53
CA ALA B 320 5.40 3.48 -36.25
C ALA B 320 6.37 2.72 -37.11
N ALA B 321 6.88 1.60 -36.60
CA ALA B 321 7.75 0.76 -37.40
C ALA B 321 7.00 0.13 -38.55
N THR B 322 5.75 -0.27 -38.32
CA THR B 322 4.95 -0.84 -39.38
C THR B 322 4.58 0.20 -40.42
N LYS B 323 4.36 1.44 -40.01
CA LYS B 323 4.05 2.45 -41.00
C LYS B 323 5.31 2.94 -41.72
N MET B 324 6.45 2.99 -41.05
CA MET B 324 7.68 3.28 -41.79
C MET B 324 8.09 2.13 -42.67
N SER B 325 7.56 0.94 -42.43
CA SER B 325 7.66 -0.11 -43.43
C SER B 325 6.74 0.17 -44.60
N GLU B 326 5.44 0.25 -44.34
CA GLU B 326 4.51 0.20 -45.45
C GLU B 326 4.28 1.53 -46.13
N CYS B 327 4.16 2.61 -45.35
CA CYS B 327 3.90 3.91 -45.95
C CYS B 327 5.14 4.45 -46.62
N VAL B 328 6.30 4.30 -46.00
CA VAL B 328 7.52 4.83 -46.58
C VAL B 328 8.02 3.93 -47.67
N LEU B 329 8.36 2.69 -47.33
CA LEU B 329 9.02 1.80 -48.26
C LEU B 329 8.04 1.09 -49.18
N GLY B 330 6.80 1.54 -49.23
CA GLY B 330 5.82 0.99 -50.14
C GLY B 330 4.74 2.03 -50.37
N GLN B 331 3.75 1.64 -51.16
CA GLN B 331 2.56 2.45 -51.41
C GLN B 331 1.38 1.60 -50.98
N SER B 332 0.91 1.81 -49.75
CA SER B 332 -0.06 0.91 -49.18
C SER B 332 -1.42 1.10 -49.81
N LYS B 333 -2.05 0.00 -50.20
CA LYS B 333 -3.32 0.05 -50.89
C LYS B 333 -4.45 -0.10 -49.87
N ARG B 334 -4.43 0.80 -48.90
CA ARG B 334 -5.32 0.74 -47.75
C ARG B 334 -5.97 2.09 -47.56
N VAL B 335 -7.30 2.09 -47.49
CA VAL B 335 -8.04 3.34 -47.42
C VAL B 335 -7.87 3.94 -46.04
N ASP B 336 -7.49 5.22 -45.98
CA ASP B 336 -7.39 6.03 -44.77
C ASP B 336 -6.39 5.47 -43.76
N PHE B 337 -5.50 4.60 -44.20
CA PHE B 337 -4.30 4.22 -43.50
C PHE B 337 -3.15 4.81 -44.28
N CYS B 338 -2.01 4.98 -43.63
CA CYS B 338 -0.91 5.85 -44.07
C CYS B 338 -1.44 7.25 -44.35
N GLY B 339 -2.17 7.79 -43.39
CA GLY B 339 -2.90 9.02 -43.56
C GLY B 339 -4.25 8.76 -44.21
N LYS B 340 -5.10 9.79 -44.16
CA LYS B 340 -6.43 9.70 -44.76
C LYS B 340 -6.35 9.63 -46.28
N GLY B 341 -7.46 9.22 -46.88
CA GLY B 341 -7.49 9.12 -48.31
C GLY B 341 -6.71 7.93 -48.81
N TYR B 342 -6.17 8.06 -50.01
CA TYR B 342 -5.46 6.98 -50.66
C TYR B 342 -4.00 7.35 -50.72
N HIS B 343 -3.16 6.50 -50.12
CA HIS B 343 -1.76 6.81 -49.96
C HIS B 343 -1.02 6.79 -51.29
N LEU B 344 -0.11 7.75 -51.45
CA LEU B 344 0.80 7.76 -52.59
C LEU B 344 2.22 7.52 -52.14
N MET B 345 2.72 8.38 -51.26
CA MET B 345 4.01 8.20 -50.63
C MET B 345 3.98 9.01 -49.34
N SER B 346 4.78 8.59 -48.39
CA SER B 346 4.83 9.26 -47.11
C SER B 346 6.25 9.74 -46.87
N PHE B 347 6.37 10.84 -46.16
CA PHE B 347 7.68 11.44 -45.92
C PHE B 347 7.97 11.42 -44.44
N PRO B 348 8.89 10.57 -43.97
CA PRO B 348 9.15 10.47 -42.54
C PRO B 348 10.15 11.49 -42.06
N GLN B 349 9.92 12.00 -40.86
CA GLN B 349 10.82 12.96 -40.27
C GLN B 349 10.71 12.87 -38.76
N ALA B 350 11.81 13.19 -38.09
CA ALA B 350 11.93 12.95 -36.67
C ALA B 350 11.24 14.05 -35.87
N ALA B 351 11.40 13.97 -34.56
CA ALA B 351 10.68 14.74 -33.56
C ALA B 351 11.44 14.52 -32.25
N PRO B 352 11.11 15.20 -31.12
CA PRO B 352 11.74 14.82 -29.85
C PRO B 352 11.49 13.37 -29.45
N HIS B 353 10.24 12.99 -29.31
CA HIS B 353 9.90 11.62 -28.94
C HIS B 353 8.90 11.01 -29.90
N GLY B 354 8.78 11.55 -31.10
CA GLY B 354 7.86 11.03 -32.08
C GLY B 354 8.54 10.78 -33.40
N VAL B 355 7.75 10.33 -34.35
CA VAL B 355 8.13 10.24 -35.75
C VAL B 355 7.03 10.96 -36.51
N VAL B 356 7.34 12.13 -37.02
CA VAL B 356 6.34 12.90 -37.75
C VAL B 356 6.27 12.35 -39.16
N PHE B 357 5.07 12.01 -39.60
CA PHE B 357 4.87 11.56 -40.95
C PHE B 357 4.35 12.72 -41.80
N LEU B 358 4.64 12.63 -43.09
CA LEU B 358 4.12 13.55 -44.08
C LEU B 358 3.58 12.69 -45.21
N HIS B 359 2.32 12.30 -45.08
CA HIS B 359 1.68 11.40 -46.03
C HIS B 359 1.18 12.21 -47.21
N VAL B 360 1.79 12.00 -48.37
CA VAL B 360 1.23 12.58 -49.60
C VAL B 360 0.14 11.62 -50.04
N THR B 361 -1.11 12.03 -49.91
CA THR B 361 -2.24 11.19 -50.26
C THR B 361 -3.13 11.92 -51.24
N TYR B 362 -4.28 11.33 -51.53
CA TYR B 362 -5.31 12.04 -52.26
C TYR B 362 -6.69 11.61 -51.81
N VAL B 363 -7.57 12.59 -51.65
CA VAL B 363 -8.88 12.39 -51.02
C VAL B 363 -9.93 12.76 -52.05
N PRO B 364 -11.14 12.20 -51.92
CA PRO B 364 -12.22 12.55 -52.86
C PRO B 364 -12.76 13.95 -52.68
N SER B 365 -12.46 14.82 -53.63
CA SER B 365 -13.05 16.14 -53.64
C SER B 365 -14.49 16.12 -54.12
N GLN B 366 -14.89 15.06 -54.81
CA GLN B 366 -16.20 15.03 -55.44
C GLN B 366 -16.65 13.58 -55.52
N GLU B 367 -17.92 13.34 -55.22
CA GLU B 367 -18.46 11.98 -55.22
C GLU B 367 -19.98 12.03 -55.40
N ARG B 368 -20.64 10.92 -55.08
CA ARG B 368 -22.09 10.81 -55.18
C ARG B 368 -22.57 9.75 -54.20
N ASN B 369 -23.66 10.04 -53.48
CA ASN B 369 -24.38 8.97 -52.81
C ASN B 369 -24.87 8.06 -53.91
N PHE B 370 -24.28 6.89 -54.08
CA PHE B 370 -24.68 6.07 -55.22
C PHE B 370 -24.95 4.65 -54.74
N THR B 371 -25.84 3.97 -55.45
CA THR B 371 -26.29 2.63 -55.09
C THR B 371 -25.14 1.63 -55.13
N THR B 372 -25.31 0.57 -54.36
CA THR B 372 -24.22 -0.33 -54.00
C THR B 372 -24.82 -1.67 -53.61
N ALA B 373 -24.36 -2.74 -54.24
CA ALA B 373 -24.87 -4.05 -53.91
C ALA B 373 -23.72 -5.03 -53.68
N PRO B 374 -23.75 -5.80 -52.61
CA PRO B 374 -22.71 -6.82 -52.42
C PRO B 374 -22.86 -8.02 -53.35
N ALA B 375 -24.05 -8.58 -53.45
CA ALA B 375 -24.24 -9.77 -54.26
C ALA B 375 -25.69 -9.86 -54.70
N ILE B 376 -25.90 -10.45 -55.85
CA ILE B 376 -27.23 -10.55 -56.44
C ILE B 376 -27.54 -12.02 -56.69
N CYS B 377 -28.82 -12.37 -56.58
CA CYS B 377 -29.27 -13.75 -56.64
C CYS B 377 -30.32 -13.86 -57.74
N HIS B 378 -29.87 -14.06 -58.98
CA HIS B 378 -30.80 -14.29 -60.07
C HIS B 378 -31.50 -15.63 -59.92
N GLU B 379 -30.73 -16.70 -59.88
CA GLU B 379 -31.22 -18.03 -60.18
C GLU B 379 -31.06 -18.98 -58.99
N GLY B 380 -31.20 -18.44 -57.78
CA GLY B 380 -30.72 -19.15 -56.61
C GLY B 380 -29.23 -19.29 -56.74
N LYS B 381 -28.56 -18.17 -57.02
CA LYS B 381 -27.24 -18.23 -57.61
C LYS B 381 -26.57 -16.88 -57.41
N ALA B 382 -25.48 -16.85 -56.66
CA ALA B 382 -24.89 -15.61 -56.21
C ALA B 382 -23.87 -15.09 -57.21
N TYR B 383 -23.48 -13.83 -57.03
CA TYR B 383 -22.53 -13.19 -57.94
C TYR B 383 -21.53 -12.35 -57.17
N PHE B 384 -20.25 -12.62 -57.37
CA PHE B 384 -19.18 -12.07 -56.52
C PHE B 384 -18.19 -11.26 -57.32
N PRO B 385 -18.23 -9.97 -57.25
CA PRO B 385 -17.30 -9.13 -58.01
C PRO B 385 -15.92 -9.13 -57.38
N ARG B 386 -14.98 -9.78 -58.05
CA ARG B 386 -13.60 -9.75 -57.58
C ARG B 386 -13.01 -8.37 -57.77
N GLU B 387 -12.57 -7.76 -56.67
CA GLU B 387 -12.13 -6.36 -56.60
C GLU B 387 -13.19 -5.43 -57.17
N GLY B 388 -14.45 -5.68 -56.81
CA GLY B 388 -15.55 -4.96 -57.41
C GLY B 388 -16.73 -4.83 -56.49
N VAL B 389 -17.66 -3.98 -56.90
CA VAL B 389 -18.90 -3.67 -56.19
C VAL B 389 -19.97 -3.39 -57.24
N PHE B 390 -21.13 -4.06 -57.11
CA PHE B 390 -22.23 -3.88 -58.06
C PHE B 390 -22.77 -2.47 -58.05
N VAL B 391 -22.87 -1.86 -59.23
CA VAL B 391 -23.10 -0.41 -59.40
C VAL B 391 -23.99 -0.23 -60.63
N PHE B 392 -24.82 0.83 -60.63
CA PHE B 392 -25.58 1.20 -61.81
C PHE B 392 -24.95 2.36 -62.58
N ASN B 393 -25.60 2.76 -63.68
CA ASN B 393 -25.35 4.05 -64.31
C ASN B 393 -26.60 4.90 -64.32
N GLY B 394 -27.46 4.72 -63.32
CA GLY B 394 -28.87 4.95 -63.58
C GLY B 394 -29.47 3.71 -64.20
N THR B 395 -29.52 2.65 -63.40
CA THR B 395 -30.17 1.36 -63.69
C THR B 395 -29.55 0.66 -64.91
N SER B 396 -28.28 0.28 -64.74
CA SER B 396 -27.69 -0.82 -65.50
C SER B 396 -26.57 -1.40 -64.65
N TRP B 397 -26.69 -2.65 -64.22
CA TRP B 397 -25.72 -3.26 -63.31
C TRP B 397 -24.31 -3.37 -63.84
N PHE B 398 -23.39 -2.62 -63.26
CA PHE B 398 -21.97 -2.65 -63.57
C PHE B 398 -21.20 -2.93 -62.29
N ILE B 399 -19.91 -3.23 -62.45
CA ILE B 399 -19.01 -3.38 -61.31
C ILE B 399 -17.76 -2.56 -61.53
N THR B 400 -17.31 -1.89 -60.48
CA THR B 400 -16.28 -0.86 -60.59
C THR B 400 -15.11 -1.19 -59.69
N GLN B 401 -14.19 -0.25 -59.56
CA GLN B 401 -13.31 -0.30 -58.41
C GLN B 401 -14.04 0.27 -57.21
N ARG B 402 -13.48 0.02 -56.04
CA ARG B 402 -14.00 0.70 -54.86
C ARG B 402 -13.56 2.15 -54.81
N ASN B 403 -12.39 2.45 -55.36
CA ASN B 403 -11.78 3.76 -55.16
C ASN B 403 -12.48 4.84 -55.97
N PHE B 404 -12.94 4.52 -57.16
CA PHE B 404 -13.87 5.39 -57.88
C PHE B 404 -14.64 4.51 -58.82
N PHE B 405 -15.58 5.09 -59.56
CA PHE B 405 -16.35 4.29 -60.49
C PHE B 405 -16.16 4.78 -61.92
N SER B 406 -15.38 4.01 -62.67
CA SER B 406 -15.60 3.85 -64.10
C SER B 406 -16.34 2.55 -64.23
N PRO B 407 -17.64 2.56 -64.43
CA PRO B 407 -18.44 1.35 -64.23
C PRO B 407 -18.26 0.31 -65.33
N GLN B 408 -17.21 -0.49 -65.17
CA GLN B 408 -16.94 -1.59 -66.08
C GLN B 408 -18.09 -2.59 -66.10
N ILE B 409 -18.35 -3.17 -67.26
CA ILE B 409 -19.49 -4.07 -67.45
C ILE B 409 -19.26 -5.36 -66.68
N ILE B 410 -20.35 -6.03 -66.34
CA ILE B 410 -20.29 -7.34 -65.68
C ILE B 410 -19.70 -8.33 -66.68
N THR B 411 -18.54 -8.86 -66.36
CA THR B 411 -17.94 -9.92 -67.15
C THR B 411 -18.40 -11.27 -66.60
N THR B 412 -17.75 -12.32 -67.04
CA THR B 412 -17.87 -13.60 -66.36
C THR B 412 -16.72 -13.80 -65.40
N ASP B 413 -15.57 -13.19 -65.68
CA ASP B 413 -14.37 -13.46 -64.92
C ASP B 413 -14.37 -12.72 -63.59
N ASN B 414 -14.83 -11.48 -63.59
CA ASN B 414 -14.78 -10.68 -62.38
C ASN B 414 -15.84 -11.11 -61.39
N THR B 415 -16.99 -11.57 -61.89
CA THR B 415 -17.95 -12.17 -61.00
C THR B 415 -17.56 -13.61 -60.69
N PHE B 416 -17.76 -13.99 -59.44
CA PHE B 416 -17.66 -15.38 -59.03
C PHE B 416 -19.06 -15.79 -58.63
N VAL B 417 -19.32 -17.08 -58.59
CA VAL B 417 -20.69 -17.58 -58.47
C VAL B 417 -20.74 -18.63 -57.35
N SER B 418 -21.77 -18.55 -56.52
CA SER B 418 -22.16 -19.69 -55.71
C SER B 418 -23.33 -20.41 -56.35
N GLY B 419 -23.38 -21.72 -56.15
CA GLY B 419 -24.50 -22.51 -56.63
C GLY B 419 -25.80 -22.27 -55.90
N ASN B 420 -25.74 -21.60 -54.75
CA ASN B 420 -26.93 -21.21 -54.02
C ASN B 420 -26.81 -19.76 -53.60
N CYS B 421 -27.71 -19.31 -52.73
CA CYS B 421 -27.62 -17.98 -52.15
C CYS B 421 -27.72 -18.09 -50.64
N ASP B 422 -26.97 -19.03 -50.08
CA ASP B 422 -27.13 -19.44 -48.69
C ASP B 422 -26.07 -18.77 -47.83
N VAL B 423 -26.51 -17.86 -46.96
CA VAL B 423 -25.62 -17.09 -46.11
C VAL B 423 -24.97 -18.01 -45.08
N VAL B 424 -23.67 -17.89 -44.91
CA VAL B 424 -22.98 -18.50 -43.78
C VAL B 424 -22.94 -17.49 -42.64
N ILE B 425 -23.40 -17.91 -41.47
CA ILE B 425 -23.48 -17.03 -40.32
C ILE B 425 -22.16 -17.10 -39.56
N GLY B 426 -21.65 -15.94 -39.15
CA GLY B 426 -20.34 -15.85 -38.55
C GLY B 426 -20.36 -15.66 -37.04
N ILE B 427 -19.16 -15.65 -36.50
CA ILE B 427 -18.94 -15.61 -35.06
C ILE B 427 -18.80 -14.15 -34.64
N ILE B 428 -19.04 -13.90 -33.34
CA ILE B 428 -19.29 -12.58 -32.81
C ILE B 428 -18.25 -12.31 -31.72
N ASN B 429 -18.09 -11.02 -31.38
CA ASN B 429 -17.90 -10.59 -29.99
C ASN B 429 -16.50 -10.94 -29.46
N ASN B 430 -15.49 -10.49 -30.18
CA ASN B 430 -14.10 -10.77 -29.83
C ASN B 430 -13.59 -9.65 -28.91
N THR B 431 -12.29 -9.63 -28.64
CA THR B 431 -11.50 -8.61 -27.95
C THR B 431 -11.90 -8.40 -26.50
N VAL B 432 -12.72 -9.27 -25.96
CA VAL B 432 -13.14 -9.19 -24.58
C VAL B 432 -11.99 -9.66 -23.71
N TYR B 433 -11.81 -9.03 -22.54
CA TYR B 433 -10.95 -9.61 -21.53
C TYR B 433 -11.71 -9.74 -20.22
N ASP B 434 -11.43 -10.81 -19.50
CA ASP B 434 -11.99 -11.00 -18.16
C ASP B 434 -11.07 -10.33 -17.15
N PRO B 435 -11.56 -9.41 -16.31
CA PRO B 435 -10.64 -8.77 -15.37
C PRO B 435 -10.13 -9.69 -14.27
N LEU B 436 -11.02 -10.43 -13.60
CA LEU B 436 -10.69 -11.42 -12.57
C LEU B 436 -9.95 -10.76 -11.39
N GLN B 437 -10.73 -9.99 -10.67
CA GLN B 437 -10.31 -9.20 -9.53
C GLN B 437 -11.19 -9.56 -8.34
N PRO B 438 -11.36 -10.87 -8.07
CA PRO B 438 -12.71 -11.40 -7.77
C PRO B 438 -13.46 -10.82 -6.58
N GLU B 439 -12.87 -10.83 -5.38
CA GLU B 439 -13.76 -10.78 -4.22
C GLU B 439 -13.01 -10.28 -3.01
N LEU B 440 -13.71 -9.46 -2.22
CA LEU B 440 -13.32 -9.21 -0.85
C LEU B 440 -14.54 -9.31 0.06
N ASP B 441 -14.38 -10.05 1.14
CA ASP B 441 -15.39 -10.22 2.17
C ASP B 441 -15.40 -9.04 3.14
N SER B 442 -16.08 -9.20 4.26
CA SER B 442 -16.24 -8.11 5.19
C SER B 442 -14.97 -7.90 6.01
N PHE B 443 -14.92 -6.75 6.68
CA PHE B 443 -14.03 -6.59 7.80
C PHE B 443 -14.33 -7.57 8.92
N LYS B 444 -15.57 -8.01 9.03
CA LYS B 444 -15.94 -8.90 10.12
C LYS B 444 -15.25 -10.24 9.99
N GLU B 445 -15.25 -10.82 8.78
CA GLU B 445 -14.53 -12.07 8.55
C GLU B 445 -13.03 -11.88 8.73
N GLU B 446 -12.48 -10.91 7.99
CA GLU B 446 -11.06 -10.64 7.94
C GLU B 446 -10.47 -10.31 9.31
N LEU B 447 -11.05 -9.33 9.99
CA LEU B 447 -10.76 -9.05 11.38
C LEU B 447 -10.89 -10.26 12.28
N ASP B 448 -12.09 -10.84 12.37
CA ASP B 448 -12.35 -11.78 13.43
C ASP B 448 -11.63 -13.10 13.25
N LYS B 449 -10.98 -13.33 12.10
CA LYS B 449 -9.93 -14.33 12.07
C LYS B 449 -8.76 -13.94 12.96
N TYR B 450 -8.22 -12.74 12.79
CA TYR B 450 -6.95 -12.33 13.40
C TYR B 450 -7.13 -11.03 14.15
N PHE B 451 -7.58 -11.08 15.40
CA PHE B 451 -7.86 -9.85 16.13
C PHE B 451 -7.85 -10.14 17.61
N LYS B 452 -7.45 -9.14 18.40
CA LYS B 452 -7.57 -9.13 19.84
C LYS B 452 -8.33 -7.88 20.28
N ASN B 453 -9.31 -8.03 21.17
CA ASN B 453 -9.86 -6.83 21.80
C ASN B 453 -8.97 -6.32 22.94
N HIS B 454 -8.75 -7.15 23.96
CA HIS B 454 -7.61 -7.06 24.88
C HIS B 454 -7.58 -5.75 25.67
N THR B 455 -8.51 -5.61 26.61
CA THR B 455 -8.41 -4.51 27.56
C THR B 455 -8.59 -5.01 28.99
N SER B 456 -8.18 -4.18 29.96
CA SER B 456 -8.28 -4.47 31.39
C SER B 456 -8.01 -3.24 32.24
N PRO B 457 -8.78 -3.00 33.31
CA PRO B 457 -8.44 -1.91 34.24
C PRO B 457 -7.48 -2.36 35.32
N ASP B 458 -7.19 -1.48 36.29
CA ASP B 458 -6.40 -1.86 37.46
C ASP B 458 -7.31 -2.07 38.66
N VAL B 459 -6.71 -2.26 39.84
CA VAL B 459 -7.48 -2.19 41.07
C VAL B 459 -6.88 -1.13 41.98
N ASP B 460 -5.65 -1.37 42.46
CA ASP B 460 -4.78 -0.41 43.16
C ASP B 460 -5.49 0.26 44.34
N LEU B 461 -5.80 -0.57 45.34
CA LEU B 461 -6.85 -0.36 46.34
C LEU B 461 -6.96 1.04 46.96
N GLY B 462 -5.94 1.48 47.69
CA GLY B 462 -5.95 2.82 48.24
C GLY B 462 -6.66 2.97 49.58
N ASP B 463 -7.53 2.03 49.95
CA ASP B 463 -7.91 1.90 51.36
C ASP B 463 -6.74 1.33 52.16
N ILE B 464 -5.80 0.70 51.45
CA ILE B 464 -4.47 0.40 51.95
C ILE B 464 -3.86 1.61 52.64
N SER B 465 -3.95 2.78 52.00
CA SER B 465 -3.69 4.00 52.73
C SER B 465 -4.71 4.20 53.83
N GLY B 466 -5.99 4.23 53.45
CA GLY B 466 -7.09 4.93 54.11
C GLY B 466 -7.32 4.61 55.58
N ILE B 467 -6.58 3.69 56.18
CA ILE B 467 -6.71 3.42 57.60
C ILE B 467 -5.85 4.42 58.36
N ASN B 468 -6.47 5.07 59.33
CA ASN B 468 -6.01 6.28 60.00
C ASN B 468 -4.95 5.99 61.06
N ALA B 469 -4.69 7.00 61.88
CA ALA B 469 -3.81 6.91 63.03
C ALA B 469 -4.57 7.38 64.27
N SER B 470 -4.85 6.46 65.18
CA SER B 470 -5.42 6.89 66.46
C SER B 470 -4.32 7.49 67.32
N VAL B 471 -4.71 8.42 68.19
CA VAL B 471 -3.77 9.24 68.93
C VAL B 471 -4.10 9.18 70.41
N VAL B 472 -3.21 9.76 71.22
CA VAL B 472 -3.48 10.12 72.60
C VAL B 472 -3.41 11.64 72.69
N ASN B 473 -4.41 12.25 73.30
CA ASN B 473 -4.35 13.69 73.53
C ASN B 473 -4.58 14.03 75.00
N ILE B 474 -4.32 13.12 75.89
CA ILE B 474 -4.70 13.32 77.28
C ILE B 474 -3.59 14.10 77.97
N GLN B 475 -3.98 14.91 78.95
CA GLN B 475 -3.00 15.67 79.71
C GLN B 475 -3.47 15.87 81.14
N LYS B 476 -4.60 15.26 81.52
CA LYS B 476 -5.06 15.29 82.91
C LYS B 476 -4.06 14.66 83.84
N GLU B 477 -3.31 13.68 83.34
CA GLU B 477 -2.22 13.09 84.08
C GLU B 477 -1.16 14.11 84.41
N ILE B 478 -0.81 14.96 83.44
CA ILE B 478 0.16 16.02 83.65
C ILE B 478 -0.39 17.04 84.64
N ASP B 479 -1.70 17.30 84.56
CA ASP B 479 -2.35 18.27 85.43
C ASP B 479 -2.31 17.82 86.88
N ARG B 480 -2.83 16.61 87.14
CA ARG B 480 -2.80 16.06 88.49
C ARG B 480 -1.38 15.78 88.95
N LEU B 481 -0.48 15.57 88.01
CA LEU B 481 0.91 15.32 88.35
C LEU B 481 1.56 16.57 88.93
N ASN B 482 1.39 17.70 88.25
CA ASN B 482 1.95 18.93 88.78
C ASN B 482 1.15 19.47 89.95
N GLU B 483 -0.13 19.10 90.08
CA GLU B 483 -0.84 19.49 91.30
C GLU B 483 -0.40 18.67 92.51
N VAL B 484 -0.07 17.40 92.31
CA VAL B 484 0.54 16.65 93.39
C VAL B 484 1.92 17.22 93.67
N ALA B 485 2.62 17.74 92.66
CA ALA B 485 3.90 18.41 92.90
C ALA B 485 3.73 19.66 93.77
N LYS B 486 2.63 20.39 93.56
CA LYS B 486 2.24 21.47 94.47
C LYS B 486 2.04 20.96 95.88
N ASN B 487 1.34 19.83 96.01
CA ASN B 487 1.06 19.25 97.31
C ASN B 487 2.33 18.78 98.00
N LEU B 488 3.30 18.33 97.21
CA LEU B 488 4.56 17.82 97.77
C LEU B 488 5.42 18.96 98.25
N ASN B 489 5.45 20.07 97.50
CA ASN B 489 6.19 21.22 97.99
C ASN B 489 5.50 21.89 99.16
N GLU B 490 4.20 21.63 99.36
CA GLU B 490 3.50 22.18 100.51
C GLU B 490 4.08 21.63 101.81
N SER B 491 3.97 20.32 102.04
CA SER B 491 4.33 19.77 103.34
C SER B 491 5.71 19.13 103.34
N ALA C 1 4.39 20.04 -49.32
CA ALA C 1 5.49 19.20 -49.76
C ALA C 1 5.53 19.17 -51.27
N TYR C 2 4.92 18.13 -51.83
CA TYR C 2 4.50 18.01 -53.23
C TYR C 2 5.67 17.81 -54.19
N SER C 3 6.90 17.92 -53.70
CA SER C 3 8.05 18.08 -54.55
C SER C 3 8.60 16.74 -55.01
N ASN C 4 9.14 16.74 -56.22
CA ASN C 4 9.87 15.57 -56.72
C ASN C 4 11.16 15.37 -55.94
N ASN C 5 11.38 14.14 -55.53
CA ASN C 5 12.52 13.78 -54.70
C ASN C 5 12.95 12.39 -55.10
N THR C 6 13.66 11.70 -54.23
CA THR C 6 14.30 10.46 -54.61
C THR C 6 14.03 9.40 -53.57
N ILE C 7 13.55 8.24 -54.03
CA ILE C 7 13.36 7.07 -53.21
C ILE C 7 14.11 5.93 -53.87
N ALA C 8 14.85 5.17 -53.07
CA ALA C 8 15.39 3.90 -53.52
C ALA C 8 14.28 2.97 -53.97
N ILE C 9 14.25 2.67 -55.26
CA ILE C 9 13.22 1.83 -55.86
C ILE C 9 13.89 0.58 -56.41
N PRO C 10 13.39 -0.61 -56.10
CA PRO C 10 14.19 -1.83 -56.30
C PRO C 10 14.37 -2.21 -57.76
N THR C 11 15.49 -2.88 -58.02
CA THR C 11 15.81 -3.33 -59.36
C THR C 11 15.91 -4.84 -59.45
N ASN C 12 16.79 -5.46 -58.67
CA ASN C 12 16.90 -6.91 -58.67
C ASN C 12 16.86 -7.43 -57.24
N PHE C 13 16.24 -8.59 -57.07
CA PHE C 13 15.85 -9.13 -55.79
C PHE C 13 16.72 -10.31 -55.37
N SER C 14 16.31 -10.94 -54.28
CA SER C 14 16.89 -12.18 -53.78
C SER C 14 15.89 -12.86 -52.87
N ILE C 15 15.96 -14.19 -52.77
CA ILE C 15 15.16 -14.88 -51.76
C ILE C 15 15.63 -14.52 -50.37
N SER C 16 14.71 -14.62 -49.43
CA SER C 16 14.97 -14.16 -48.07
C SER C 16 13.96 -14.82 -47.15
N ILE C 17 14.41 -15.75 -46.33
CA ILE C 17 13.57 -16.16 -45.23
C ILE C 17 13.72 -15.15 -44.09
N THR C 18 12.73 -15.11 -43.22
CA THR C 18 12.74 -14.10 -42.17
C THR C 18 12.88 -14.71 -40.79
N THR C 19 12.04 -15.69 -40.44
CA THR C 19 12.07 -16.42 -39.17
C THR C 19 11.94 -15.47 -37.98
N GLU C 20 10.75 -14.91 -37.80
CA GLU C 20 10.47 -14.14 -36.62
C GLU C 20 9.65 -14.92 -35.62
N VAL C 21 9.74 -14.49 -34.36
CA VAL C 21 9.11 -15.15 -33.23
C VAL C 21 8.30 -14.13 -32.45
N MET C 22 7.05 -14.47 -32.14
CA MET C 22 6.19 -13.59 -31.39
C MET C 22 5.47 -14.40 -30.32
N PRO C 23 5.64 -14.09 -29.05
CA PRO C 23 5.05 -14.92 -28.00
C PRO C 23 3.55 -14.75 -27.93
N VAL C 24 2.88 -15.80 -27.46
CA VAL C 24 1.42 -15.79 -27.44
C VAL C 24 0.83 -16.02 -26.07
N SER C 25 1.54 -16.62 -25.13
CA SER C 25 0.95 -16.95 -23.84
C SER C 25 1.92 -16.56 -22.75
N MET C 26 1.55 -16.86 -21.51
CA MET C 26 2.40 -16.57 -20.38
C MET C 26 2.41 -17.72 -19.39
N ALA C 27 3.52 -17.85 -18.68
CA ALA C 27 3.62 -18.78 -17.59
C ALA C 27 2.71 -18.35 -16.43
N LYS C 28 2.16 -19.33 -15.73
CA LYS C 28 1.34 -19.01 -14.57
C LYS C 28 2.23 -18.56 -13.43
N THR C 29 2.54 -17.26 -13.39
CA THR C 29 3.48 -16.71 -12.44
C THR C 29 2.80 -16.54 -11.07
N SER C 30 2.50 -17.68 -10.45
CA SER C 30 1.92 -17.69 -9.13
C SER C 30 2.98 -17.30 -8.12
N VAL C 31 3.16 -16.00 -7.90
CA VAL C 31 4.22 -15.51 -7.04
C VAL C 31 3.72 -15.45 -5.60
N ASP C 32 4.39 -16.19 -4.72
CA ASP C 32 4.09 -16.14 -3.30
C ASP C 32 4.54 -14.80 -2.75
N CYS C 33 3.61 -14.13 -2.07
CA CYS C 33 3.98 -12.88 -1.40
C CYS C 33 4.88 -13.15 -0.23
N ASN C 34 4.55 -14.18 0.55
CA ASN C 34 5.34 -14.62 1.70
C ASN C 34 6.77 -15.01 1.34
N MET C 35 7.06 -15.26 0.08
CA MET C 35 8.45 -15.40 -0.30
C MET C 35 9.01 -14.12 -0.88
N TYR C 36 8.23 -13.41 -1.68
CA TYR C 36 8.75 -12.21 -2.31
C TYR C 36 8.90 -11.10 -1.28
N ILE C 37 7.91 -10.95 -0.41
CA ILE C 37 8.06 -10.06 0.74
C ILE C 37 9.07 -10.66 1.70
N CYS C 38 8.79 -11.85 2.21
CA CYS C 38 9.41 -12.33 3.43
C CYS C 38 10.45 -13.39 3.09
N GLY C 39 11.63 -13.27 3.67
CA GLY C 39 12.63 -14.31 3.48
C GLY C 39 12.96 -15.00 4.78
N ASP C 40 12.99 -14.21 5.84
CA ASP C 40 13.33 -14.66 7.18
C ASP C 40 12.43 -13.91 8.14
N SER C 41 12.82 -13.90 9.42
CA SER C 41 12.13 -13.18 10.50
C SER C 41 10.69 -13.62 10.62
N THR C 42 10.46 -14.85 11.12
CA THR C 42 9.14 -15.48 11.27
C THR C 42 8.07 -14.54 11.85
N GLU C 43 8.49 -13.58 12.67
CA GLU C 43 7.77 -12.35 12.95
C GLU C 43 7.08 -11.70 11.74
N CYS C 44 7.81 -11.57 10.62
CA CYS C 44 7.18 -11.09 9.39
C CYS C 44 6.05 -12.00 8.93
N ALA C 45 6.23 -13.30 9.07
CA ALA C 45 5.12 -14.19 8.76
C ALA C 45 4.00 -14.08 9.79
N ASN C 46 4.33 -13.66 11.01
CA ASN C 46 3.29 -13.43 12.00
C ASN C 46 2.49 -12.17 11.70
N LEU C 47 3.09 -11.24 11.00
CA LEU C 47 2.38 -10.01 10.71
C LEU C 47 1.68 -10.04 9.37
N LEU C 48 2.23 -10.73 8.39
CA LEU C 48 1.56 -10.85 7.10
C LEU C 48 0.33 -11.74 7.15
N LEU C 49 0.14 -12.51 8.23
CA LEU C 49 -1.16 -13.10 8.45
C LEU C 49 -2.23 -12.02 8.58
N GLN C 50 -1.92 -10.96 9.31
CA GLN C 50 -2.84 -9.86 9.50
C GLN C 50 -3.03 -9.04 8.25
N TYR C 51 -2.11 -9.12 7.30
CA TYR C 51 -2.27 -8.43 6.03
C TYR C 51 -3.13 -9.25 5.11
N GLY C 52 -4.44 -9.13 5.32
CA GLY C 52 -5.57 -9.53 4.50
C GLY C 52 -5.49 -10.93 3.95
N SER C 53 -6.14 -11.11 2.81
CA SER C 53 -5.93 -12.25 1.96
C SER C 53 -5.52 -11.76 0.59
N PHE C 54 -4.67 -10.72 0.59
CA PHE C 54 -4.35 -9.99 -0.62
C PHE C 54 -3.61 -10.85 -1.62
N CYS C 55 -2.80 -11.78 -1.12
CA CYS C 55 -1.93 -12.50 -2.03
C CYS C 55 -2.72 -13.55 -2.77
N THR C 56 -3.79 -14.02 -2.15
CA THR C 56 -4.68 -14.98 -2.79
C THR C 56 -5.31 -14.38 -4.02
N GLN C 57 -6.04 -13.28 -3.85
CA GLN C 57 -6.67 -12.61 -4.98
C GLN C 57 -5.67 -11.98 -5.95
N LEU C 58 -4.49 -11.64 -5.45
CA LEU C 58 -3.42 -11.16 -6.29
C LEU C 58 -2.99 -12.23 -7.28
N ASN C 59 -2.73 -13.43 -6.76
CA ASN C 59 -2.45 -14.52 -7.65
C ASN C 59 -3.70 -15.03 -8.35
N ARG C 60 -4.90 -14.63 -7.93
CA ARG C 60 -6.08 -14.91 -8.73
C ARG C 60 -6.06 -14.11 -10.02
N ALA C 61 -5.66 -12.84 -9.93
CA ALA C 61 -5.47 -12.04 -11.14
C ALA C 61 -4.37 -12.63 -12.02
N LEU C 62 -3.22 -12.95 -11.41
CA LEU C 62 -2.12 -13.52 -12.16
C LEU C 62 -2.46 -14.89 -12.74
N SER C 63 -3.33 -15.64 -12.09
CA SER C 63 -3.80 -16.90 -12.65
C SER C 63 -4.76 -16.66 -13.78
N GLY C 64 -5.60 -15.65 -13.65
CA GLY C 64 -6.53 -15.28 -14.70
C GLY C 64 -5.88 -14.71 -15.93
N ILE C 65 -4.59 -14.41 -15.87
CA ILE C 65 -3.83 -14.18 -17.09
C ILE C 65 -3.89 -15.41 -18.00
N ALA C 66 -3.43 -16.55 -17.50
CA ALA C 66 -3.26 -17.71 -18.39
C ALA C 66 -4.55 -18.44 -18.67
N ASN C 214 0.07 15.57 118.88
CA ASN C 214 1.30 16.30 118.58
C ASN C 214 1.84 15.95 117.22
N GLN C 215 2.11 14.66 117.03
CA GLN C 215 2.86 14.22 115.86
C GLN C 215 2.13 13.14 115.07
N LYS C 216 0.91 12.77 115.45
CA LYS C 216 0.05 11.99 114.56
C LYS C 216 -0.39 12.80 113.36
N GLN C 217 -0.31 14.13 113.45
CA GLN C 217 -0.40 15.04 112.31
C GLN C 217 0.52 14.60 111.19
N ILE C 218 1.75 14.23 111.54
CA ILE C 218 2.73 13.77 110.58
C ILE C 218 2.27 12.46 109.93
N ALA C 219 1.80 11.52 110.76
CA ALA C 219 1.41 10.20 110.25
C ALA C 219 0.24 10.30 109.30
N ASN C 220 -0.81 11.02 109.69
CA ASN C 220 -1.99 11.12 108.85
C ASN C 220 -1.77 12.02 107.65
N GLN C 221 -1.02 13.12 107.81
CA GLN C 221 -0.80 14.04 106.70
C GLN C 221 0.10 13.43 105.65
N PHE C 222 1.18 12.81 106.07
CA PHE C 222 2.03 12.19 105.07
C PHE C 222 1.46 10.87 104.60
N ASN C 223 0.52 10.27 105.33
CA ASN C 223 -0.24 9.16 104.78
C ASN C 223 -1.18 9.64 103.67
N LYS C 224 -1.78 10.82 103.86
CA LYS C 224 -2.52 11.46 102.79
C LYS C 224 -1.63 11.72 101.58
N ALA C 225 -0.42 12.21 101.83
CA ALA C 225 0.51 12.50 100.74
C ALA C 225 0.95 11.22 100.04
N ILE C 226 1.07 10.13 100.79
CA ILE C 226 1.41 8.85 100.19
C ILE C 226 0.26 8.34 99.34
N SER C 227 -0.98 8.57 99.77
CA SER C 227 -2.06 8.19 98.88
C SER C 227 -2.20 9.15 97.70
N GLN C 228 -1.69 10.38 97.83
CA GLN C 228 -1.58 11.25 96.67
C GLN C 228 -0.57 10.71 95.67
N ILE C 229 0.53 10.13 96.17
CA ILE C 229 1.49 9.47 95.29
C ILE C 229 0.88 8.21 94.69
N GLN C 230 -0.02 7.55 95.44
CA GLN C 230 -0.78 6.43 94.91
C GLN C 230 -1.68 6.85 93.76
N GLU C 231 -2.40 7.97 93.95
CA GLU C 231 -3.12 8.62 92.87
C GLU C 231 -2.21 8.91 91.69
N SER C 232 -1.01 9.39 91.97
CA SER C 232 -0.06 9.78 90.93
C SER C 232 0.42 8.59 90.15
N LEU C 233 0.66 7.47 90.80
CA LEU C 233 1.22 6.37 90.05
C LEU C 233 0.16 5.53 89.38
N THR C 234 -1.05 5.45 89.92
CA THR C 234 -2.14 4.87 89.14
C THR C 234 -2.47 5.77 87.95
N THR C 235 -2.37 7.08 88.15
CA THR C 235 -2.47 8.06 87.08
C THR C 235 -1.40 7.84 86.01
N THR C 236 -0.18 7.53 86.44
CA THR C 236 0.90 7.24 85.52
C THR C 236 0.66 5.94 84.77
N SER C 237 0.07 4.95 85.46
CA SER C 237 -0.32 3.72 84.80
C SER C 237 -1.37 3.97 83.74
N THR C 238 -2.28 4.90 84.02
CA THR C 238 -3.30 5.29 83.04
C THR C 238 -2.65 5.88 81.80
N ALA C 239 -1.74 6.83 82.01
CA ALA C 239 -1.07 7.50 80.91
C ALA C 239 -0.26 6.53 80.07
N LEU C 240 0.47 5.65 80.72
CA LEU C 240 1.35 4.79 79.96
C LEU C 240 0.60 3.63 79.33
N GLY C 241 -0.53 3.21 79.89
CA GLY C 241 -1.36 2.25 79.18
C GLY C 241 -1.97 2.85 77.93
N LYS C 242 -2.43 4.10 78.02
CA LYS C 242 -2.91 4.82 76.84
C LYS C 242 -1.80 4.95 75.79
N LEU C 243 -0.59 5.27 76.25
CA LEU C 243 0.53 5.34 75.33
C LEU C 243 0.86 3.99 74.74
N GLN C 244 0.71 2.92 75.54
CA GLN C 244 1.01 1.58 75.04
C GLN C 244 0.08 1.23 73.90
N ASP C 245 -1.21 1.41 74.12
CA ASP C 245 -2.19 1.02 73.11
C ASP C 245 -2.10 1.91 71.88
N VAL C 246 -1.84 3.21 72.06
CA VAL C 246 -1.86 4.09 70.91
C VAL C 246 -0.58 4.02 70.11
N VAL C 247 0.58 3.95 70.78
CA VAL C 247 1.83 3.75 70.06
C VAL C 247 1.83 2.42 69.34
N ASN C 248 1.26 1.39 69.97
CA ASN C 248 1.14 0.13 69.27
C ASN C 248 0.09 0.19 68.17
N GLN C 249 -0.94 1.03 68.29
CA GLN C 249 -1.91 1.13 67.22
C GLN C 249 -1.32 1.83 66.03
N ASN C 250 -0.54 2.87 66.27
CA ASN C 250 0.12 3.55 65.17
C ASN C 250 1.17 2.67 64.54
N ALA C 251 1.78 1.78 65.32
CA ALA C 251 2.64 0.77 64.71
C ALA C 251 1.84 -0.25 63.92
N GLN C 252 0.62 -0.58 64.36
CA GLN C 252 -0.22 -1.49 63.58
C GLN C 252 -0.63 -0.87 62.27
N ALA C 253 -0.95 0.43 62.30
CA ALA C 253 -1.22 1.15 61.06
C ALA C 253 0.02 1.21 60.19
N LEU C 254 1.19 1.28 60.82
CA LEU C 254 2.44 1.29 60.07
C LEU C 254 2.67 -0.06 59.39
N ASN C 255 2.40 -1.15 60.10
CA ASN C 255 2.53 -2.47 59.49
C ASN C 255 1.51 -2.65 58.38
N THR C 256 0.32 -2.10 58.56
CA THR C 256 -0.73 -2.16 57.55
C THR C 256 -0.27 -1.49 56.27
N LEU C 257 0.22 -0.26 56.40
CA LEU C 257 0.74 0.48 55.27
C LEU C 257 1.91 -0.23 54.62
N VAL C 258 2.84 -0.73 55.42
CA VAL C 258 4.05 -1.35 54.89
C VAL C 258 3.72 -2.60 54.09
N LYS C 259 2.94 -3.52 54.66
CA LYS C 259 2.60 -4.76 53.98
C LYS C 259 1.75 -4.49 52.76
N GLN C 260 0.63 -3.82 52.95
CA GLN C 260 -0.32 -3.69 51.87
C GLN C 260 0.14 -2.67 50.83
N LEU C 261 1.05 -1.78 51.19
CA LEU C 261 1.54 -0.82 50.25
C LEU C 261 2.74 -1.37 49.50
N SER C 262 3.40 -2.37 50.07
CA SER C 262 4.25 -3.21 49.25
C SER C 262 3.43 -3.94 48.21
N SER C 263 2.22 -4.38 48.58
CA SER C 263 1.37 -5.06 47.62
C SER C 263 0.93 -4.12 46.50
N ASN C 264 0.66 -2.85 46.86
CA ASN C 264 0.43 -1.83 45.83
C ASN C 264 1.64 -1.64 44.92
N PHE C 265 2.84 -1.60 45.50
CA PHE C 265 4.04 -1.51 44.65
C PHE C 265 4.18 -2.72 43.75
N GLY C 266 3.82 -3.90 44.25
CA GLY C 266 3.92 -5.11 43.44
C GLY C 266 2.95 -5.09 42.28
N ALA C 267 1.72 -4.68 42.53
CA ALA C 267 0.72 -4.61 41.48
C ALA C 267 1.09 -3.57 40.44
N ILE C 268 1.47 -2.37 40.88
CA ILE C 268 1.80 -1.29 39.96
C ILE C 268 3.05 -1.61 39.18
N SER C 269 4.02 -2.26 39.81
CA SER C 269 5.25 -2.61 39.11
C SER C 269 5.03 -3.70 38.07
N SER C 270 4.19 -4.69 38.38
CA SER C 270 3.88 -5.72 37.39
C SER C 270 3.10 -5.15 36.21
N VAL C 271 2.15 -4.27 36.50
CA VAL C 271 1.39 -3.62 35.44
C VAL C 271 2.29 -2.74 34.60
N LEU C 272 3.22 -2.04 35.24
CA LEU C 272 4.11 -1.15 34.53
C LEU C 272 5.06 -1.93 33.64
N ASN C 273 5.53 -3.09 34.11
CA ASN C 273 6.37 -3.92 33.26
C ASN C 273 5.59 -4.46 32.07
N ASP C 274 4.32 -4.79 32.26
CA ASP C 274 3.53 -5.28 31.14
C ASP C 274 3.20 -4.18 30.15
N ILE C 275 2.98 -2.96 30.64
CA ILE C 275 2.86 -1.77 29.79
C ILE C 275 4.11 -1.60 28.95
N LEU C 276 5.29 -1.68 29.58
CA LEU C 276 6.55 -1.62 28.86
C LEU C 276 6.67 -2.72 27.82
N SER C 277 6.24 -3.93 28.18
CA SER C 277 6.34 -5.07 27.28
C SER C 277 5.51 -4.85 26.02
N ARG C 278 4.24 -4.54 26.21
CA ARG C 278 3.39 -4.43 25.05
C ARG C 278 3.62 -3.15 24.28
N LEU C 279 4.12 -2.11 24.96
CA LEU C 279 4.58 -0.93 24.24
C LEU C 279 5.74 -1.28 23.31
N ASP C 280 6.65 -2.12 23.78
CA ASP C 280 7.77 -2.47 22.93
C ASP C 280 7.37 -3.39 21.81
N LYS C 281 6.35 -4.23 22.04
CA LYS C 281 5.77 -5.01 20.94
C LYS C 281 5.18 -4.09 19.88
N VAL C 282 4.50 -3.03 20.33
CA VAL C 282 3.92 -2.05 19.42
C VAL C 282 5.01 -1.34 18.63
N GLU C 283 6.08 -0.91 19.31
CA GLU C 283 7.20 -0.23 18.64
C GLU C 283 7.83 -1.10 17.57
N ALA C 284 8.15 -2.34 17.95
CA ALA C 284 8.80 -3.27 17.04
C ALA C 284 7.93 -3.57 15.83
N GLU C 285 6.70 -4.01 16.07
CA GLU C 285 5.84 -4.40 14.97
C GLU C 285 5.42 -3.22 14.11
N VAL C 286 5.33 -2.01 14.68
CA VAL C 286 5.01 -0.84 13.89
C VAL C 286 6.14 -0.51 12.91
N GLN C 287 7.40 -0.60 13.36
CA GLN C 287 8.52 -0.42 12.44
C GLN C 287 8.52 -1.49 11.36
N ILE C 288 8.18 -2.72 11.75
CA ILE C 288 8.07 -3.80 10.78
C ILE C 288 6.97 -3.51 9.77
N ASP C 289 5.91 -2.85 10.21
CA ASP C 289 4.80 -2.57 9.32
C ASP C 289 5.13 -1.48 8.33
N ARG C 290 5.97 -0.53 8.72
CA ARG C 290 6.50 0.41 7.73
C ARG C 290 7.23 -0.34 6.64
N LEU C 291 8.10 -1.24 7.06
CA LEU C 291 8.93 -1.93 6.09
C LEU C 291 8.12 -2.86 5.22
N ILE C 292 7.15 -3.55 5.82
CA ILE C 292 6.25 -4.43 5.08
C ILE C 292 5.44 -3.63 4.08
N THR C 293 4.98 -2.44 4.44
CA THR C 293 4.14 -1.67 3.54
C THR C 293 4.92 -1.18 2.33
N GLY C 294 6.16 -0.76 2.53
CA GLY C 294 7.01 -0.40 1.39
C GLY C 294 7.30 -1.58 0.50
N ARG C 295 7.64 -2.71 1.10
CA ARG C 295 7.91 -3.92 0.34
C ARG C 295 6.65 -4.47 -0.32
N LEU C 296 5.49 -4.22 0.28
CA LEU C 296 4.22 -4.62 -0.29
C LEU C 296 3.92 -3.86 -1.55
N GLN C 297 4.12 -2.54 -1.53
CA GLN C 297 3.83 -1.82 -2.74
C GLN C 297 4.86 -2.08 -3.82
N SER C 298 6.08 -2.46 -3.42
CA SER C 298 7.03 -2.96 -4.41
C SER C 298 6.54 -4.23 -5.06
N LEU C 299 5.96 -5.13 -4.27
CA LEU C 299 5.36 -6.35 -4.83
C LEU C 299 4.16 -6.02 -5.69
N GLN C 300 3.40 -4.99 -5.32
CA GLN C 300 2.22 -4.66 -6.11
C GLN C 300 2.65 -4.04 -7.42
N THR C 301 3.79 -3.37 -7.42
CA THR C 301 4.39 -2.89 -8.64
C THR C 301 4.87 -4.03 -9.51
N TYR C 302 5.43 -5.06 -8.88
CA TYR C 302 5.80 -6.28 -9.60
C TYR C 302 4.61 -6.89 -10.31
N VAL C 303 3.48 -6.96 -9.62
CA VAL C 303 2.30 -7.56 -10.22
C VAL C 303 1.74 -6.68 -11.33
N THR C 304 1.76 -5.36 -11.14
CA THR C 304 1.29 -4.44 -12.17
C THR C 304 2.14 -4.53 -13.43
N GLN C 305 3.46 -4.56 -13.26
CA GLN C 305 4.39 -4.81 -14.34
C GLN C 305 4.07 -6.11 -15.06
N GLN C 306 3.72 -7.14 -14.28
CA GLN C 306 3.41 -8.43 -14.86
C GLN C 306 2.12 -8.38 -15.66
N LEU C 307 1.12 -7.67 -15.17
CA LEU C 307 -0.15 -7.58 -15.86
C LEU C 307 -0.02 -6.80 -17.15
N ILE C 308 0.83 -5.77 -17.14
CA ILE C 308 1.04 -5.00 -18.35
C ILE C 308 1.75 -5.85 -19.39
N ARG C 309 2.65 -6.72 -18.95
CA ARG C 309 3.19 -7.71 -19.87
C ARG C 309 2.10 -8.62 -20.41
N ALA C 310 1.16 -9.01 -19.58
CA ALA C 310 0.09 -9.89 -20.03
C ALA C 310 -0.78 -9.21 -21.07
N ALA C 311 -0.96 -7.90 -20.94
CA ALA C 311 -1.73 -7.17 -21.94
C ALA C 311 -0.98 -7.06 -23.25
N GLU C 312 0.34 -6.84 -23.18
CA GLU C 312 1.14 -6.83 -24.39
C GLU C 312 1.11 -8.19 -25.08
N ILE C 313 1.12 -9.25 -24.29
CA ILE C 313 1.07 -10.59 -24.85
C ILE C 313 -0.27 -10.88 -25.48
N ARG C 314 -1.35 -10.36 -24.89
CA ARG C 314 -2.67 -10.56 -25.49
C ARG C 314 -2.79 -9.83 -26.81
N ALA C 315 -2.30 -8.59 -26.88
CA ALA C 315 -2.36 -7.89 -28.15
C ALA C 315 -1.40 -8.48 -29.17
N SER C 316 -0.27 -9.01 -28.72
CA SER C 316 0.66 -9.63 -29.66
C SER C 316 0.12 -10.97 -30.15
N ALA C 317 -0.64 -11.66 -29.33
CA ALA C 317 -1.30 -12.86 -29.81
C ALA C 317 -2.42 -12.51 -30.77
N ASN C 318 -3.05 -11.35 -30.61
CA ASN C 318 -3.99 -10.89 -31.63
C ASN C 318 -3.27 -10.61 -32.94
N LEU C 319 -2.07 -10.05 -32.86
CA LEU C 319 -1.26 -9.91 -34.07
C LEU C 319 -0.83 -11.25 -34.62
N ALA C 320 -0.63 -12.24 -33.75
CA ALA C 320 -0.28 -13.57 -34.23
C ALA C 320 -1.45 -14.21 -34.95
N ALA C 321 -2.65 -14.01 -34.45
CA ALA C 321 -3.84 -14.52 -35.13
C ALA C 321 -4.04 -13.81 -36.45
N THR C 322 -3.79 -12.49 -36.48
CA THR C 322 -3.92 -11.75 -37.73
C THR C 322 -2.85 -12.14 -38.73
N LYS C 323 -1.65 -12.46 -38.26
CA LYS C 323 -0.63 -12.88 -39.21
C LYS C 323 -0.83 -14.32 -39.65
N MET C 324 -1.32 -15.20 -38.77
CA MET C 324 -1.68 -16.54 -39.25
C MET C 324 -2.91 -16.52 -40.13
N SER C 325 -3.69 -15.45 -40.08
CA SER C 325 -4.68 -15.23 -41.12
C SER C 325 -4.01 -14.81 -42.43
N GLU C 326 -3.31 -13.69 -42.41
CA GLU C 326 -2.92 -13.08 -43.66
C GLU C 326 -1.66 -13.67 -44.26
N CYS C 327 -0.64 -13.92 -43.44
CA CYS C 327 0.61 -14.43 -43.98
C CYS C 327 0.48 -15.89 -44.37
N VAL C 328 -0.20 -16.68 -43.54
CA VAL C 328 -0.34 -18.10 -43.83
C VAL C 328 -1.40 -18.32 -44.90
N LEU C 329 -2.63 -17.95 -44.59
CA LEU C 329 -3.76 -18.26 -45.45
C LEU C 329 -3.93 -17.28 -46.59
N GLY C 330 -2.93 -16.45 -46.84
CA GLY C 330 -2.94 -15.52 -47.95
C GLY C 330 -1.53 -15.14 -48.30
N GLN C 331 -1.41 -14.27 -49.30
CA GLN C 331 -0.13 -13.69 -49.68
C GLN C 331 -0.29 -12.19 -49.55
N SER C 332 0.14 -11.64 -48.42
CA SER C 332 -0.18 -10.26 -48.10
C SER C 332 0.65 -9.31 -48.96
N LYS C 333 -0.03 -8.34 -49.55
CA LYS C 333 0.62 -7.40 -50.45
C LYS C 333 1.06 -6.17 -49.68
N ARG C 334 1.85 -6.42 -48.65
CA ARG C 334 2.26 -5.40 -47.70
C ARG C 334 3.76 -5.45 -47.52
N VAL C 335 4.41 -4.30 -47.71
CA VAL C 335 5.85 -4.24 -47.66
C VAL C 335 6.32 -4.39 -46.23
N ASP C 336 7.26 -5.32 -46.02
CA ASP C 336 7.95 -5.55 -44.74
C ASP C 336 6.99 -5.93 -43.61
N PHE C 337 5.80 -6.37 -43.94
CA PHE C 337 4.89 -7.08 -43.07
C PHE C 337 4.84 -8.51 -43.58
N CYS C 338 4.45 -9.42 -42.70
CA CYS C 338 4.67 -10.86 -42.87
C CYS C 338 6.15 -11.13 -43.14
N GLY C 339 7.00 -10.58 -42.27
CA GLY C 339 8.41 -10.57 -42.49
C GLY C 339 8.84 -9.43 -43.40
N LYS C 340 10.15 -9.18 -43.42
CA LYS C 340 10.70 -8.12 -44.26
C LYS C 340 10.57 -8.46 -45.73
N GLY C 341 10.73 -7.43 -46.57
CA GLY C 341 10.63 -7.65 -47.99
C GLY C 341 9.20 -7.84 -48.42
N TYR C 342 9.03 -8.62 -49.48
CA TYR C 342 7.72 -8.83 -50.08
C TYR C 342 7.33 -10.27 -49.82
N HIS C 343 6.21 -10.46 -49.16
CA HIS C 343 5.81 -11.78 -48.72
C HIS C 343 5.40 -12.67 -49.88
N LEU C 344 5.79 -13.94 -49.80
CA LEU C 344 5.34 -14.94 -50.74
C LEU C 344 4.46 -15.97 -50.05
N MET C 345 5.00 -16.62 -49.04
CA MET C 345 4.23 -17.52 -48.19
C MET C 345 4.97 -17.61 -46.88
N SER C 346 4.23 -17.91 -45.82
CA SER C 346 4.82 -18.02 -44.51
C SER C 346 4.55 -19.41 -43.97
N PHE C 347 5.48 -19.90 -43.17
CA PHE C 347 5.37 -21.25 -42.65
C PHE C 347 5.24 -21.20 -41.14
N PRO C 348 4.07 -21.48 -40.59
CA PRO C 348 3.89 -21.37 -39.14
C PRO C 348 4.30 -22.62 -38.40
N GLN C 349 4.88 -22.43 -37.24
CA GLN C 349 5.31 -23.54 -36.40
C GLN C 349 5.32 -23.10 -34.96
N ALA C 350 5.07 -24.06 -34.07
CA ALA C 350 4.83 -23.76 -32.68
C ALA C 350 6.15 -23.53 -31.93
N ALA C 351 6.02 -23.37 -30.63
CA ALA C 351 7.06 -22.92 -29.72
C ALA C 351 6.54 -23.21 -28.33
N PRO C 352 7.31 -23.01 -27.22
CA PRO C 352 6.70 -23.12 -25.89
C PRO C 352 5.56 -22.14 -25.65
N HIS C 353 5.84 -20.86 -25.78
CA HIS C 353 4.80 -19.84 -25.58
C HIS C 353 4.73 -18.89 -26.77
N GLY C 354 5.24 -19.29 -27.92
CA GLY C 354 5.22 -18.44 -29.09
C GLY C 354 4.63 -19.18 -30.28
N VAL C 355 4.61 -18.46 -31.40
CA VAL C 355 4.32 -19.03 -32.69
C VAL C 355 5.47 -18.58 -33.58
N VAL C 356 6.33 -19.51 -33.94
CA VAL C 356 7.47 -19.16 -34.78
C VAL C 356 7.00 -19.13 -36.22
N PHE C 357 7.26 -18.03 -36.89
CA PHE C 357 6.95 -17.91 -38.30
C PHE C 357 8.18 -18.19 -39.13
N LEU C 358 7.94 -18.65 -40.34
CA LEU C 358 8.99 -18.85 -41.34
C LEU C 358 8.46 -18.20 -42.61
N HIS C 359 8.73 -16.91 -42.75
CA HIS C 359 8.24 -16.13 -43.87
C HIS C 359 9.16 -16.32 -45.05
N VAL C 360 8.66 -16.97 -46.10
CA VAL C 360 9.41 -17.01 -47.35
C VAL C 360 9.09 -15.71 -48.06
N THR C 361 10.06 -14.82 -48.14
CA THR C 361 9.86 -13.52 -48.75
C THR C 361 10.91 -13.30 -49.82
N TYR C 362 10.94 -12.09 -50.36
CA TYR C 362 12.05 -11.70 -51.21
C TYR C 362 12.35 -10.22 -51.06
N VAL C 363 13.63 -9.91 -50.99
CA VAL C 363 14.11 -8.57 -50.63
C VAL C 363 14.91 -8.04 -51.81
N PRO C 364 15.00 -6.71 -51.95
CA PRO C 364 15.81 -6.15 -53.04
C PRO C 364 17.30 -6.32 -52.85
N SER C 365 17.90 -7.18 -53.66
CA SER C 365 19.35 -7.30 -53.67
C SER C 365 20.01 -6.16 -54.42
N GLN C 366 19.27 -5.45 -55.25
CA GLN C 366 19.86 -4.44 -56.11
C GLN C 366 18.81 -3.38 -56.39
N GLU C 367 19.21 -2.12 -56.34
CA GLU C 367 18.29 -1.01 -56.56
C GLU C 367 19.06 0.23 -57.01
N ARG C 368 18.42 1.39 -56.91
CA ARG C 368 19.02 2.66 -57.28
C ARG C 368 18.35 3.77 -56.49
N ASN C 369 19.15 4.71 -55.96
CA ASN C 369 18.57 5.97 -55.53
C ASN C 369 17.98 6.62 -56.77
N PHE C 370 16.67 6.62 -56.92
CA PHE C 370 16.12 7.13 -58.17
C PHE C 370 15.02 8.13 -57.88
N THR C 371 14.84 9.09 -58.79
CA THR C 371 13.90 10.17 -58.61
C THR C 371 12.47 9.66 -58.53
N THR C 372 11.63 10.47 -57.88
CA THR C 372 10.32 10.04 -57.40
C THR C 372 9.45 11.26 -57.24
N ALA C 373 8.28 11.26 -57.86
CA ALA C 373 7.39 12.38 -57.73
C ALA C 373 5.98 11.91 -57.38
N PRO C 374 5.34 12.52 -56.38
CA PRO C 374 3.95 12.16 -56.09
C PRO C 374 2.95 12.66 -57.12
N ALA C 375 3.03 13.93 -57.49
CA ALA C 375 2.05 14.50 -58.41
C ALA C 375 2.68 15.69 -59.11
N ILE C 376 2.23 15.93 -60.33
CA ILE C 376 2.78 17.00 -61.16
C ILE C 376 1.63 17.91 -61.58
N CYS C 377 1.95 19.19 -61.73
CA CYS C 377 0.96 20.24 -61.99
C CYS C 377 1.35 20.96 -63.27
N HIS C 378 0.93 20.42 -64.41
CA HIS C 378 1.15 21.11 -65.67
C HIS C 378 0.33 22.38 -65.78
N GLU C 379 -0.98 22.24 -65.66
CA GLU C 379 -1.92 23.24 -66.15
C GLU C 379 -2.80 23.77 -65.03
N GLY C 380 -2.24 23.88 -63.83
CA GLY C 380 -3.06 24.06 -62.66
C GLY C 380 -3.91 22.81 -62.52
N LYS C 381 -3.26 21.66 -62.58
CA LYS C 381 -3.96 20.43 -62.92
C LYS C 381 -3.10 19.26 -62.49
N ALA C 382 -3.58 18.47 -61.55
CA ALA C 382 -2.77 17.45 -60.90
C ALA C 382 -2.83 16.13 -61.65
N TYR C 383 -1.91 15.22 -61.31
CA TYR C 383 -1.83 13.93 -61.98
C TYR C 383 -1.56 12.83 -60.95
N PHE C 384 -2.42 11.82 -60.94
CA PHE C 384 -2.44 10.82 -59.88
C PHE C 384 -2.22 9.42 -60.40
N PRO C 385 -1.07 8.86 -60.24
CA PRO C 385 -0.80 7.51 -60.76
C PRO C 385 -1.46 6.45 -59.88
N ARG C 386 -2.50 5.82 -60.41
CA ARG C 386 -3.13 4.73 -59.68
C ARG C 386 -2.21 3.52 -59.66
N GLU C 387 -1.87 3.08 -58.45
CA GLU C 387 -0.86 2.05 -58.20
C GLU C 387 0.47 2.40 -58.87
N GLY C 388 0.85 3.67 -58.77
CA GLY C 388 2.01 4.13 -59.50
C GLY C 388 2.71 5.27 -58.81
N VAL C 389 3.91 5.58 -59.32
CA VAL C 389 4.79 6.63 -58.83
C VAL C 389 5.52 7.22 -60.03
N PHE C 390 5.51 8.54 -60.17
CA PHE C 390 6.17 9.20 -61.29
C PHE C 390 7.67 9.01 -61.26
N VAL C 391 8.23 8.56 -62.39
CA VAL C 391 9.59 8.03 -62.49
C VAL C 391 10.16 8.46 -63.84
N PHE C 392 11.50 8.67 -63.91
CA PHE C 392 12.16 8.90 -65.18
C PHE C 392 12.85 7.66 -65.73
N ASN C 393 13.49 7.81 -66.89
CA ASN C 393 14.48 6.85 -67.36
C ASN C 393 15.84 7.52 -67.53
N GLY C 394 16.12 8.54 -66.73
CA GLY C 394 17.00 9.57 -67.22
C GLY C 394 16.19 10.56 -68.05
N THR C 395 15.30 11.27 -67.36
CA THR C 395 14.47 12.38 -67.86
C THR C 395 13.54 11.94 -68.99
N SER C 396 12.60 11.07 -68.62
CA SER C 396 11.33 10.94 -69.34
C SER C 396 10.31 10.41 -68.35
N TRP C 397 9.28 11.21 -68.06
CA TRP C 397 8.29 10.86 -67.04
C TRP C 397 7.50 9.59 -67.30
N PHE C 398 7.72 8.56 -66.50
CA PHE C 398 7.01 7.30 -66.55
C PHE C 398 6.42 7.02 -65.17
N ILE C 399 5.52 6.05 -65.11
CA ILE C 399 4.98 5.57 -63.84
C ILE C 399 5.09 4.06 -63.76
N THR C 400 5.48 3.57 -62.58
CA THR C 400 5.89 2.18 -62.43
C THR C 400 5.05 1.51 -61.36
N GLN C 401 5.42 0.30 -60.98
CA GLN C 401 4.98 -0.20 -59.70
C GLN C 401 5.85 0.40 -58.61
N ARG C 402 5.40 0.26 -57.38
CA ARG C 402 6.27 0.62 -56.27
C ARG C 402 7.32 -0.43 -56.02
N ASN C 403 7.00 -1.69 -56.32
CA ASN C 403 7.87 -2.79 -55.91
C ASN C 403 9.13 -2.88 -56.74
N PHE C 404 9.05 -2.55 -58.03
CA PHE C 404 10.25 -2.33 -58.83
C PHE C 404 9.83 -1.43 -59.97
N PHE C 405 10.78 -1.07 -60.82
CA PHE C 405 10.43 -0.20 -61.93
C PHE C 405 10.74 -0.88 -63.26
N SER C 406 9.68 -1.34 -63.91
CA SER C 406 9.61 -1.36 -65.37
C SER C 406 8.82 -0.13 -65.73
N PRO C 407 9.46 0.93 -66.17
CA PRO C 407 8.79 2.23 -66.22
C PRO C 407 7.77 2.36 -67.34
N GLN C 408 6.57 1.88 -67.06
CA GLN C 408 5.45 1.98 -67.99
C GLN C 408 5.14 3.44 -68.29
N ILE C 409 4.73 3.70 -69.53
CA ILE C 409 4.48 5.07 -70.00
C ILE C 409 3.26 5.64 -69.30
N ILE C 410 3.20 6.97 -69.22
CA ILE C 410 2.05 7.67 -68.68
C ILE C 410 0.87 7.44 -69.62
N THR C 411 -0.15 6.76 -69.13
CA THR C 411 -1.37 6.60 -69.88
C THR C 411 -2.31 7.75 -69.54
N THR C 412 -3.56 7.61 -69.93
CA THR C 412 -4.61 8.44 -69.39
C THR C 412 -5.33 7.76 -68.25
N ASP C 413 -5.35 6.43 -68.27
CA ASP C 413 -6.16 5.68 -67.31
C ASP C 413 -5.48 5.60 -65.95
N ASN C 414 -4.17 5.39 -65.95
CA ASN C 414 -3.47 5.22 -64.69
C ASN C 414 -3.32 6.52 -63.95
N THR C 415 -3.19 7.62 -64.68
CA THR C 415 -3.22 8.92 -64.03
C THR C 415 -4.65 9.33 -63.78
N PHE C 416 -4.87 9.93 -62.62
CA PHE C 416 -6.12 10.59 -62.30
C PHE C 416 -5.80 12.07 -62.20
N VAL C 417 -6.81 12.92 -62.32
CA VAL C 417 -6.58 14.35 -62.49
C VAL C 417 -7.44 15.11 -61.49
N SER C 418 -6.86 16.13 -60.85
CA SER C 418 -7.66 17.16 -60.23
C SER C 418 -7.73 18.38 -61.14
N GLY C 419 -8.86 19.09 -61.05
CA GLY C 419 -9.02 20.33 -61.79
C GLY C 419 -8.15 21.47 -61.30
N ASN C 420 -7.57 21.33 -60.11
CA ASN C 420 -6.65 22.31 -59.58
C ASN C 420 -5.42 21.60 -59.04
N CYS C 421 -4.58 22.32 -58.32
CA CYS C 421 -3.45 21.73 -57.62
C CYS C 421 -3.47 22.18 -56.18
N ASP C 422 -4.64 22.10 -55.56
CA ASP C 422 -4.90 22.71 -54.26
C ASP C 422 -4.81 21.65 -53.17
N VAL C 423 -3.78 21.77 -52.33
CA VAL C 423 -3.51 20.82 -51.26
C VAL C 423 -4.61 20.90 -50.22
N VAL C 424 -5.12 19.76 -49.79
CA VAL C 424 -5.97 19.69 -48.61
C VAL C 424 -5.10 19.41 -47.40
N ILE C 425 -5.20 20.23 -46.37
CA ILE C 425 -4.38 20.11 -45.18
C ILE C 425 -5.05 19.18 -44.21
N GLY C 426 -4.28 18.27 -43.62
CA GLY C 426 -4.82 17.22 -42.79
C GLY C 426 -4.62 17.44 -41.30
N ILE C 427 -5.19 16.52 -40.54
CA ILE C 427 -5.23 16.60 -39.08
C ILE C 427 -4.00 15.87 -38.52
N ILE C 428 -3.65 16.21 -37.29
CA ILE C 428 -2.35 15.92 -36.70
C ILE C 428 -2.59 15.11 -35.42
N ASN C 429 -1.53 14.43 -34.96
CA ASN C 429 -1.23 14.33 -33.53
C ASN C 429 -2.19 13.41 -32.78
N ASN C 430 -2.30 12.18 -33.26
CA ASN C 430 -3.21 11.20 -32.68
C ASN C 430 -2.46 10.41 -31.60
N THR C 431 -3.07 9.35 -31.09
CA THR C 431 -2.53 8.32 -30.19
C THR C 431 -2.13 8.86 -28.82
N VAL C 432 -2.49 10.09 -28.52
CA VAL C 432 -2.18 10.68 -27.24
C VAL C 432 -3.14 10.09 -26.20
N TYR C 433 -2.65 9.87 -24.98
CA TYR C 433 -3.56 9.61 -23.88
C TYR C 433 -3.28 10.59 -22.75
N ASP C 434 -4.33 11.01 -22.06
CA ASP C 434 -4.19 11.85 -20.88
C ASP C 434 -4.04 10.94 -19.67
N PRO C 435 -2.97 11.09 -18.86
CA PRO C 435 -2.84 10.18 -17.72
C PRO C 435 -3.87 10.41 -16.62
N LEU C 436 -4.08 11.65 -16.19
CA LEU C 436 -5.07 12.05 -15.19
C LEU C 436 -4.83 11.34 -13.85
N GLN C 437 -3.77 11.78 -13.23
CA GLN C 437 -3.25 11.28 -11.97
C GLN C 437 -3.12 12.44 -10.99
N PRO C 438 -4.17 13.27 -10.87
CA PRO C 438 -3.98 14.73 -10.87
C PRO C 438 -3.09 15.34 -9.79
N GLU C 439 -3.35 15.08 -8.52
CA GLU C 439 -2.88 16.05 -7.54
C GLU C 439 -2.76 15.41 -6.18
N LEU C 440 -1.70 15.78 -5.47
CA LEU C 440 -1.63 15.61 -4.03
C LEU C 440 -1.10 16.87 -3.37
N ASP C 441 -1.82 17.31 -2.34
CA ASP C 441 -1.45 18.46 -1.54
C ASP C 441 -0.39 18.10 -0.50
N SER C 442 -0.19 18.99 0.46
CA SER C 442 0.86 18.79 1.44
C SER C 442 0.46 17.77 2.49
N PHE C 443 1.45 17.31 3.25
CA PHE C 443 1.18 16.69 4.53
C PHE C 443 0.50 17.64 5.49
N LYS C 444 0.71 18.94 5.33
CA LYS C 444 0.13 19.88 6.26
C LYS C 444 -1.39 19.92 6.14
N GLU C 445 -1.91 19.94 4.93
CA GLU C 445 -3.35 19.88 4.72
C GLU C 445 -3.91 18.54 5.20
N GLU C 446 -3.34 17.46 4.66
CA GLU C 446 -3.80 16.10 4.89
C GLU C 446 -3.77 15.72 6.36
N LEU C 447 -2.62 15.89 7.00
CA LEU C 447 -2.48 15.78 8.44
C LEU C 447 -3.46 16.65 9.20
N ASP C 448 -3.38 17.97 9.02
CA ASP C 448 -4.06 18.86 9.94
C ASP C 448 -5.57 18.83 9.79
N LYS C 449 -6.10 18.15 8.77
CA LYS C 449 -7.49 17.73 8.85
C LYS C 449 -7.70 16.72 9.98
N TYR C 450 -6.91 15.65 9.99
CA TYR C 450 -7.16 14.50 10.85
C TYR C 450 -5.90 14.18 11.66
N PHE C 451 -5.71 14.84 12.80
CA PHE C 451 -4.49 14.63 13.56
C PHE C 451 -4.70 15.07 15.00
N LYS C 452 -4.01 14.40 15.92
CA LYS C 452 -3.91 14.78 17.32
C LYS C 452 -2.45 14.93 17.70
N ASN C 453 -2.08 16.02 18.37
CA ASN C 453 -0.76 16.04 18.99
C ASN C 453 -0.73 15.26 20.31
N HIS C 454 -1.53 15.68 21.28
CA HIS C 454 -1.98 14.84 22.40
C HIS C 454 -0.83 14.35 23.28
N THR C 455 -0.24 15.26 24.04
CA THR C 455 0.69 14.85 25.08
C THR C 455 0.37 15.54 26.41
N SER C 456 0.92 14.98 27.50
CA SER C 456 0.74 15.49 28.85
C SER C 456 1.71 14.84 29.83
N PRO C 457 2.31 15.60 30.76
CA PRO C 457 3.11 14.97 31.82
C PRO C 457 2.29 14.58 33.03
N ASP C 458 2.93 14.11 34.10
CA ASP C 458 2.24 13.85 35.36
C ASP C 458 2.52 14.97 36.35
N VAL C 459 2.08 14.78 37.60
CA VAL C 459 2.54 15.66 38.68
C VAL C 459 3.21 14.81 39.76
N ASP C 460 2.41 13.98 40.44
CA ASP C 460 2.83 12.92 41.36
C ASP C 460 3.80 13.44 42.44
N LEU C 461 3.24 14.30 43.30
CA LEU C 461 3.95 15.31 44.09
C LEU C 461 5.23 14.85 44.79
N GLY C 462 5.14 13.91 45.73
CA GLY C 462 6.34 13.39 46.38
C GLY C 462 6.84 14.19 47.56
N ASP C 463 6.45 15.47 47.70
CA ASP C 463 6.54 16.13 48.99
C ASP C 463 5.50 15.57 49.94
N ILE C 464 4.48 14.92 49.38
CA ILE C 464 3.58 14.02 50.10
C ILE C 464 4.35 13.06 50.97
N SER C 465 5.40 12.45 50.42
CA SER C 465 6.37 11.79 51.28
C SER C 465 7.05 12.79 52.19
N GLY C 466 7.70 13.81 51.57
CA GLY C 466 8.85 14.54 52.09
C GLY C 466 8.72 15.19 53.44
N ILE C 467 7.56 15.12 54.11
CA ILE C 467 7.42 15.63 55.45
C ILE C 467 7.90 14.58 56.43
N ASN C 468 8.79 14.98 57.32
CA ASN C 468 9.63 14.16 58.16
C ASN C 468 8.88 13.61 59.36
N ALA C 469 9.66 13.06 60.30
CA ALA C 469 9.18 12.58 61.58
C ALA C 469 9.99 13.25 62.69
N SER C 470 9.34 14.11 63.46
CA SER C 470 10.01 14.66 64.64
C SER C 470 10.03 13.61 65.74
N VAL C 471 11.05 13.66 66.59
CA VAL C 471 11.32 12.61 67.55
C VAL C 471 11.46 13.22 68.94
N VAL C 472 11.56 12.35 69.94
CA VAL C 472 12.03 12.69 71.27
C VAL C 472 13.32 11.92 71.49
N ASN C 473 14.36 12.60 71.95
CA ASN C 473 15.59 11.91 72.30
C ASN C 473 16.04 12.24 73.72
N ILE C 474 15.12 12.63 74.57
CA ILE C 474 15.52 13.13 75.88
C ILE C 474 15.68 11.96 76.83
N GLN C 475 16.59 12.10 77.77
CA GLN C 475 16.81 11.05 78.75
C GLN C 475 17.23 11.64 80.10
N LYS C 476 17.26 12.97 80.21
CA LYS C 476 17.53 13.64 81.49
C LYS C 476 16.50 13.27 82.54
N GLU C 477 15.28 12.99 82.10
CA GLU C 477 14.26 12.49 82.99
C GLU C 477 14.65 11.16 83.59
N ILE C 478 15.21 10.26 82.76
CA ILE C 478 15.66 8.97 83.24
C ILE C 478 16.85 9.15 84.19
N ASP C 479 17.71 10.13 83.88
CA ASP C 479 18.89 10.40 84.69
C ASP C 479 18.50 10.87 86.08
N ARG C 480 17.70 11.94 86.15
CA ARG C 480 17.24 12.45 87.43
C ARG C 480 16.31 11.47 88.11
N LEU C 481 15.66 10.60 87.36
CA LEU C 481 14.79 9.60 87.92
C LEU C 481 15.58 8.56 88.71
N ASN C 482 16.63 8.03 88.10
CA ASN C 482 17.45 7.07 88.82
C ASN C 482 18.34 7.74 89.86
N GLU C 483 18.63 9.03 89.73
CA GLU C 483 19.34 9.70 90.83
C GLU C 483 18.44 9.96 92.01
N VAL C 484 17.16 10.25 91.78
CA VAL C 484 16.24 10.30 92.90
C VAL C 484 16.07 8.90 93.48
N ALA C 485 16.16 7.86 92.65
CA ALA C 485 16.14 6.48 93.18
C ALA C 485 17.33 6.20 94.10
N LYS C 486 18.50 6.76 93.75
CA LYS C 486 19.65 6.75 94.65
C LYS C 486 19.33 7.46 95.96
N ASN C 487 18.68 8.63 95.86
CA ASN C 487 18.34 9.39 97.04
C ASN C 487 17.32 8.67 97.90
N LEU C 488 16.43 7.90 97.28
CA LEU C 488 15.41 7.19 98.03
C LEU C 488 15.99 5.99 98.74
N ASN C 489 16.93 5.29 98.10
CA ASN C 489 17.59 4.19 98.81
C ASN C 489 18.53 4.71 99.88
N GLU C 490 18.94 5.98 99.82
CA GLU C 490 19.78 6.56 100.86
C GLU C 490 19.05 6.58 102.20
N SER C 491 17.96 7.34 102.29
CA SER C 491 17.33 7.56 103.60
C SER C 491 16.11 6.68 103.80
C1 NAG D . -6.56 4.72 101.30
C2 NAG D . -7.84 3.96 101.73
C3 NAG D . -8.51 4.56 102.98
C4 NAG D . -8.38 6.07 103.13
C5 NAG D . -7.06 6.62 102.56
C6 NAG D . -6.38 7.60 103.48
C7 NAG D . -9.41 4.70 99.89
C8 NAG D . -10.33 4.19 98.84
N2 NAG D . -8.80 3.76 100.63
O3 NAG D . -7.99 3.92 104.14
O4 NAG D . -9.46 6.72 102.48
O5 NAG D . -6.15 5.55 102.34
O6 NAG D . -5.00 7.71 103.19
O7 NAG D . -9.24 5.91 100.06
C1 NAG E . 11.78 -6.75 62.26
C2 NAG E . 12.29 -8.02 61.55
C3 NAG E . 13.01 -7.72 60.22
C4 NAG E . 13.49 -6.28 60.11
C5 NAG E . 13.99 -5.77 61.45
C6 NAG E . 14.55 -4.36 61.39
C7 NAG E . 12.97 -10.13 62.67
C8 NAG E . 11.79 -10.80 62.02
N2 NAG E . 13.15 -8.83 62.41
O3 NAG E . 12.10 -8.00 59.15
O4 NAG E . 14.56 -6.21 59.17
O5 NAG E . 12.91 -5.74 62.40
O6 NAG E . 15.87 -4.33 60.89
O7 NAG E . 13.72 -10.76 63.41
C1 NAG F . 16.28 -8.21 18.89
C2 NAG F . 15.50 -9.03 19.95
C3 NAG F . 14.35 -9.85 19.34
C4 NAG F . 14.65 -10.46 17.96
C5 NAG F . 15.59 -9.59 17.13
C6 NAG F . 15.15 -9.48 15.69
C7 NAG F . 17.19 -10.81 20.54
C8 NAG F . 17.91 -11.44 21.71
N2 NAG F . 16.34 -9.81 20.86
O3 NAG F . 13.19 -9.04 19.26
O4 NAG F . 15.23 -11.75 18.13
O5 NAG F . 15.62 -8.27 17.65
O6 NAG F . 14.40 -10.62 15.30
O7 NAG F . 17.40 -11.18 19.39
C1 NAG G . 14.14 -15.01 -27.83
C2 NAG G . 14.84 -16.38 -27.76
C3 NAG G . 14.86 -16.91 -26.32
C4 NAG G . 15.44 -15.87 -25.39
C5 NAG G . 14.70 -14.55 -25.53
C6 NAG G . 15.29 -13.44 -24.69
C7 NAG G . 14.86 -18.35 -29.23
C8 NAG G . 14.06 -19.23 -30.14
N2 NAG G . 14.21 -17.33 -28.67
O3 NAG G . 15.64 -18.09 -26.25
O4 NAG G . 15.35 -16.31 -24.04
O5 NAG G . 14.75 -14.10 -26.89
O6 NAG G . 15.20 -13.72 -23.31
O7 NAG G . 16.06 -18.55 -29.01
C1 NAG H . -2.06 -29.47 -67.73
C2 NAG H . -2.23 -31.03 -68.00
C3 NAG H . -3.34 -31.39 -69.02
C4 NAG H . -4.24 -30.20 -69.31
C5 NAG H . -3.38 -29.08 -69.90
C6 NAG H . -4.17 -27.84 -70.23
C7 NAG H . -0.03 -31.78 -69.17
C8 NAG H . -0.15 -30.84 -70.35
N2 NAG H . -0.99 -31.79 -68.20
O3 NAG H . -4.12 -32.45 -68.49
O4 NAG H . -5.23 -30.56 -70.25
O5 NAG H . -2.35 -28.68 -68.98
O6 NAG H . -4.71 -27.24 -69.06
O7 NAG H . 0.94 -32.54 -69.09
C1 NAG I . -5.92 -32.61 -46.28
C2 NAG I . -5.32 -31.78 -45.12
C3 NAG I . -6.43 -31.18 -44.26
C4 NAG I . -7.38 -32.24 -43.73
C5 NAG I . -7.68 -33.29 -44.81
C6 NAG I . -9.14 -33.68 -44.85
C7 NAG I . -3.22 -32.26 -43.87
C8 NAG I . -2.72 -30.91 -44.32
N2 NAG I . -4.44 -32.61 -44.30
O3 NAG I . -7.16 -30.24 -45.06
O4 NAG I . -6.80 -32.89 -42.61
O5 NAG I . -7.35 -32.74 -46.09
O6 NAG I . -9.45 -34.60 -43.82
O7 NAG I . -2.54 -33.00 -43.18
C1 NAG J . -17.40 -25.63 -58.68
C2 NAG J . -17.72 -24.73 -59.88
C3 NAG J . -18.15 -25.58 -61.07
C4 NAG J . -17.11 -26.66 -61.36
C5 NAG J . -16.78 -27.46 -60.11
C6 NAG J . -15.66 -28.44 -60.33
C7 NAG J . -18.64 -22.48 -59.90
C8 NAG J . -19.80 -21.61 -59.53
N2 NAG J . -18.75 -23.76 -59.57
O3 NAG J . -18.33 -24.75 -62.20
O4 NAG J . -17.61 -27.55 -62.36
O5 NAG J . -16.37 -26.59 -59.04
O6 NAG J . -15.56 -28.78 -61.70
O7 NAG J . -17.66 -22.04 -60.46
C1 NAG K . 8.87 -30.90 -55.64
C2 NAG K . 8.60 -31.21 -57.14
C3 NAG K . 9.63 -32.22 -57.68
C4 NAG K . 11.05 -31.77 -57.36
C5 NAG K . 11.17 -31.55 -55.86
C6 NAG K . 12.53 -31.07 -55.43
C7 NAG K . 6.63 -32.75 -56.88
C8 NAG K . 5.22 -32.96 -57.33
N2 NAG K . 7.24 -31.66 -57.39
O3 NAG K . 9.45 -32.35 -59.08
O4 NAG K . 11.98 -32.75 -57.80
O5 NAG K . 10.24 -30.55 -55.46
O6 NAG K . 12.64 -31.06 -54.02
O7 NAG K . 7.18 -33.52 -56.10
C1 NAG L . 9.66 23.53 98.40
C2 NAG L . 9.61 25.07 98.52
C3 NAG L . 10.48 25.61 99.68
C4 NAG L . 11.74 24.80 99.98
C5 NAG L . 11.58 23.30 99.71
C6 NAG L . 12.11 22.43 100.82
C7 NAG L . 10.97 25.70 96.51
C8 NAG L . 10.95 26.54 95.26
N2 NAG L . 9.87 25.76 97.26
O3 NAG L . 9.69 25.72 100.85
O4 NAG L . 12.83 25.30 99.20
O5 NAG L . 10.19 22.98 99.57
O6 NAG L . 11.51 21.15 100.83
O7 NAG L . 11.96 25.02 96.79
C1 NAG M . -10.24 5.68 62.64
C2 NAG M . -11.63 5.74 61.94
C3 NAG M . -11.73 4.72 60.78
C4 NAG M . -10.73 3.58 60.88
C5 NAG M . -10.49 3.17 62.32
C6 NAG M . -9.55 2.01 62.47
C7 NAG M . -13.77 6.41 62.98
C8 NAG M . -13.79 7.58 62.06
N2 NAG M . -12.72 5.58 62.89
O3 NAG M . -11.57 5.41 59.56
O4 NAG M . -11.22 2.46 60.16
O5 NAG M . -9.92 4.27 63.07
O6 NAG M . -10.19 0.76 62.25
O7 NAG M . -14.67 6.21 63.80
C1 NAG N . -14.71 -6.10 20.86
C2 NAG N . -15.02 -4.83 21.69
C3 NAG N . -15.20 -3.57 20.82
C4 NAG N . -15.89 -3.81 19.47
C5 NAG N . -15.62 -5.20 18.91
C6 NAG N . -15.33 -5.17 17.43
C7 NAG N . -17.38 -5.29 22.45
C8 NAG N . -18.25 -5.37 23.67
N2 NAG N . -16.10 -4.98 22.68
O3 NAG N . -13.92 -2.98 20.59
O4 NAG N . -17.30 -3.63 19.63
O5 NAG N . -14.46 -5.76 19.54
O6 NAG N . -15.94 -4.04 16.82
O7 NAG N . -17.83 -5.53 21.33
C1 NAG O . -20.63 -10.30 -25.83
C2 NAG O . -22.16 -10.23 -25.74
C3 NAG O . -22.60 -9.70 -24.37
C4 NAG O . -21.96 -10.51 -23.25
C5 NAG O . -20.44 -10.54 -23.43
C6 NAG O . -19.74 -11.41 -22.42
C7 NAG O . -23.92 -9.60 -27.33
C8 NAG O . -24.32 -8.65 -28.42
N2 NAG O . -22.71 -9.40 -26.80
O3 NAG O . -24.01 -9.79 -24.24
O4 NAG O . -22.27 -9.96 -21.99
O5 NAG O . -20.12 -11.07 -24.74
O6 NAG O . -19.94 -10.93 -21.11
O7 NAG O . -24.67 -10.48 -26.93
C1 NAG P . -26.16 2.53 -69.05
C2 NAG P . -27.43 3.36 -69.49
C3 NAG P . -27.21 4.28 -70.72
C4 NAG P . -25.73 4.41 -71.07
C5 NAG P . -25.20 3.02 -71.39
C6 NAG P . -23.74 3.02 -71.76
C7 NAG P . -29.19 1.62 -70.29
C8 NAG P . -28.32 1.03 -71.38
N2 NAG P . -28.70 2.64 -69.52
O3 NAG P . -27.74 5.57 -70.44
O4 NAG P . -25.58 5.24 -72.21
O5 NAG P . -25.34 2.13 -70.26
O6 NAG P . -22.93 3.43 -70.68
O7 NAG P . -30.33 1.19 -70.10
C1 NAG Q . -26.49 11.63 -49.00
C2 NAG Q . -26.05 10.94 -47.69
C3 NAG Q . -24.94 11.76 -47.01
C4 NAG Q . -25.40 13.20 -46.74
C5 NAG Q . -26.17 13.75 -47.94
C6 NAG Q . -25.79 15.18 -48.28
C7 NAG Q . -27.46 9.63 -46.13
C8 NAG Q . -26.55 8.46 -46.37
N2 NAG Q . -27.18 10.76 -46.79
O3 NAG Q . -23.80 11.77 -47.84
O4 NAG Q . -26.22 13.23 -45.59
O5 NAG Q . -25.89 12.94 -49.09
O6 NAG Q . -26.43 16.09 -47.40
O7 NAG Q . -28.43 9.55 -45.38
C1 NAG R . -15.09 15.54 -62.71
C2 NAG R . -14.21 15.13 -63.87
C3 NAG R . -14.77 15.67 -65.18
C4 NAG R . -16.21 15.22 -65.36
C5 NAG R . -17.04 15.60 -64.13
C6 NAG R . -18.45 15.07 -64.21
C7 NAG R . -11.79 14.85 -63.90
C8 NAG R . -10.47 15.50 -63.68
N2 NAG R . -12.86 15.61 -63.68
O3 NAG R . -13.97 15.19 -66.26
O4 NAG R . -16.77 15.86 -66.51
O5 NAG R . -16.44 15.05 -62.94
O6 NAG R . -18.82 14.85 -65.56
O7 NAG R . -11.88 13.69 -64.25
C1 NAG S . -32.50 -3.65 -55.31
C2 NAG S . -32.68 -3.57 -56.84
C3 NAG S . -34.06 -4.07 -57.27
C4 NAG S . -34.35 -5.43 -56.66
C5 NAG S . -34.20 -5.35 -55.15
C6 NAG S . -34.43 -6.65 -54.45
C7 NAG S . -33.05 -1.10 -57.09
C8 NAG S . -32.55 0.11 -57.82
N2 NAG S . -32.40 -2.25 -57.38
O3 NAG S . -34.11 -4.14 -58.69
O4 NAG S . -35.68 -5.85 -57.00
O5 NAG S . -32.85 -4.94 -54.85
O6 NAG S . -34.44 -6.47 -53.03
O7 NAG S . -33.97 -1.04 -56.30
C1 NAG T . 17.96 0.21 100.04
C2 NAG T . 19.37 -0.42 100.24
C3 NAG T . 19.48 -1.20 101.58
C4 NAG T . 18.20 -1.88 102.05
C5 NAG T . 16.93 -1.14 101.63
C6 NAG T . 15.92 -1.02 102.74
C7 NAG T . 19.26 -2.28 98.55
C8 NAG T . 19.98 -2.86 97.38
N2 NAG T . 19.83 -1.20 99.10
O3 NAG T . 19.98 -0.33 102.59
O4 NAG T . 18.14 -3.21 101.56
O5 NAG T . 17.26 0.20 101.24
O6 NAG T . 15.15 0.16 102.61
O7 NAG T . 18.22 -2.78 98.97
C1 NAG U . 11.24 18.58 59.91
C2 NAG U . 12.00 19.57 58.98
C3 NAG U . 11.18 19.94 57.73
C4 NAG U . 9.68 19.68 57.87
C5 NAG U . 9.21 19.98 59.29
C6 NAG U . 7.72 19.78 59.46
C7 NAG U . 13.69 21.24 59.66
C8 NAG U . 14.69 20.49 58.84
N2 NAG U . 12.44 20.76 59.68
O3 NAG U . 11.69 19.22 56.62
O4 NAG U . 8.97 20.50 56.96
O5 NAG U . 9.86 19.11 60.22
O6 NAG U . 6.98 20.93 59.11
O7 NAG U . 14.00 22.26 60.28
C1 NAG V . 2.20 19.65 17.24
C2 NAG V . 3.47 19.47 18.11
C3 NAG V . 4.64 18.82 17.34
C4 NAG V . 4.76 19.25 15.88
C5 NAG V . 3.43 19.59 15.24
C6 NAG V . 3.29 19.04 13.84
C7 NAG V . 4.24 21.86 18.37
C8 NAG V . 4.61 22.88 19.39
N2 NAG V . 3.88 20.67 18.86
O3 NAG V . 4.50 17.41 17.41
O4 NAG V . 5.64 20.36 15.78
O5 NAG V . 2.37 19.01 16.01
O6 NAG V . 4.56 18.91 13.22
O7 NAG V . 4.27 22.12 17.17
C1 NAG W . 0.43 17.37 -29.94
C2 NAG W . 1.26 18.66 -30.13
C3 NAG W . 1.97 19.03 -28.82
C4 NAG W . 0.97 19.11 -27.67
C5 NAG W . 0.19 17.80 -27.57
C6 NAG W . -0.89 17.86 -26.53
C7 NAG W . 2.65 19.53 -31.96
C8 NAG W . 3.63 19.19 -33.04
N2 NAG W . 2.22 18.51 -31.22
O3 NAG W . 2.60 20.30 -28.97
O4 NAG W . 1.65 19.35 -26.44
O5 NAG W . -0.46 17.54 -28.83
O6 NAG W . -0.35 18.08 -25.24
O7 NAG W . 2.26 20.67 -31.76
C1 NAG X . 13.44 7.30 -72.28
C2 NAG X . 14.76 7.89 -72.92
C3 NAG X . 15.40 7.00 -74.02
C4 NAG X . 14.78 5.61 -74.05
C5 NAG X . 13.29 5.77 -74.35
C6 NAG X . 12.57 4.44 -74.43
C7 NAG X . 14.06 10.05 -74.18
C8 NAG X . 13.06 9.37 -75.09
N2 NAG X . 14.75 9.32 -73.26
O3 NAG X . 16.80 6.90 -73.78
O4 NAG X . 15.38 4.84 -75.09
O5 NAG X . 12.64 6.55 -73.33
O6 NAG X . 12.55 3.78 -73.17
O7 NAG X . 14.24 11.27 -74.26
C1 NAG Y . 21.98 7.26 -51.97
C2 NAG Y . 21.18 7.44 -50.66
C3 NAG Y . 21.36 6.23 -49.74
C4 NAG Y . 22.83 5.96 -49.45
C5 NAG Y . 23.68 6.13 -50.71
C6 NAG Y . 24.70 5.03 -50.88
C7 NAG Y . 20.74 9.58 -49.47
C8 NAG Y . 19.27 9.32 -49.69
N2 NAG Y . 21.58 8.66 -49.97
O3 NAG Y . 20.78 5.09 -50.37
O4 NAG Y . 23.31 6.86 -48.46
O5 NAG Y . 22.82 6.08 -51.87
O6 NAG Y . 25.85 5.27 -50.08
O7 NAG Y . 21.14 10.58 -48.90
C1 NAG Z . 19.56 -7.13 -62.99
C2 NAG Z . 18.71 -7.97 -63.97
C3 NAG Z . 19.40 -8.04 -65.33
C4 NAG Z . 19.71 -6.65 -65.85
C5 NAG Z . 20.49 -5.84 -64.81
C6 NAG Z . 20.70 -4.42 -65.23
C7 NAG Z . 17.25 -9.88 -63.56
C8 NAG Z . 17.15 -11.26 -63.01
N2 NAG Z . 18.45 -9.30 -63.47
O3 NAG Z . 18.54 -8.72 -66.24
O4 NAG Z . 20.48 -6.74 -67.04
O5 NAG Z . 19.78 -5.82 -63.56
O6 NAG Z . 20.57 -4.28 -66.65
O7 NAG Z . 16.30 -9.30 -64.07
C1 NAG AA . 11.40 18.44 -60.49
C2 NAG AA . 11.52 18.24 -62.02
C3 NAG AA . 11.75 19.58 -62.74
C4 NAG AA . 10.71 20.61 -62.31
C5 NAG AA . 10.74 20.74 -60.79
C6 NAG AA . 9.72 21.71 -60.25
C7 NAG AA . 13.86 17.34 -62.14
C8 NAG AA . 14.66 16.19 -62.65
N2 NAG AA . 12.53 17.26 -62.39
O3 NAG AA . 11.68 19.38 -64.14
O4 NAG AA . 10.98 21.86 -62.92
O5 NAG AA . 10.44 19.47 -60.20
O6 NAG AA . 9.90 21.89 -58.85
O7 NAG AA . 14.37 18.27 -61.53
#